data_7K0V
#
_entry.id   7K0V
#
_cell.length_a   87.254
_cell.length_b   115.354
_cell.length_c   119.390
_cell.angle_alpha   90.000
_cell.angle_beta   90.000
_cell.angle_gamma   90.000
#
_symmetry.space_group_name_H-M   'P 21 21 21'
#
loop_
_entity.id
_entity.type
_entity.pdbx_description
1 polymer 'Non-specific serine/threonine protein kinase'
2 non-polymer "N-(3,3-dimethylbutyl)-N'-{2-fluoro-5-[(5-fluoro-3-methyl-4-oxo-3,4-dihydroquinazolin-6-yl)amino]-4-methylphenyl}urea"
3 non-polymer 'CHLORIDE ION'
4 water water
#
_entity_poly.entity_id   1
_entity_poly.type   'polypeptide(L)'
_entity_poly.pdbx_seq_one_letter_code
;MHHHHHGSRDSSDDWEIPDGQITVGQRIGSGSFGTVYKGKWHGDVAVKMLNVTAPTPQQLQAFKNEVGVLRKTRHVNILL
FMGYSTKPQLAIVTQWCEGSSLYKHLHASETKFEMKKLIDIARQTARGMDYLHAKSIIHRDLKSNNIFLHEDNTVKIGDF
GLATVKSRWSGSHQFEQLSGSILWMAPEVIRMQDSNPYSFQSDVYAFGIVLYELMTGQLPYSNINNRDQIIEMVGRGSLS
PDLSKVRSNCPKRMKRLMAECLKKKRDERPSFPRILAEIEELARELSG
;
_entity_poly.pdbx_strand_id   A,B,C,D
#
# COMPACT_ATOMS: atom_id res chain seq x y z
N ASP A 14 29.81 14.08 5.95
CA ASP A 14 29.42 13.28 4.80
C ASP A 14 29.67 11.79 5.01
N TRP A 15 28.67 10.97 4.67
CA TRP A 15 28.71 9.56 5.00
C TRP A 15 28.90 8.66 3.79
N GLU A 16 29.27 9.22 2.64
CA GLU A 16 29.57 8.38 1.49
C GLU A 16 30.89 7.66 1.70
N ILE A 17 30.91 6.37 1.40
CA ILE A 17 32.12 5.56 1.45
C ILE A 17 32.58 5.32 0.02
N PRO A 18 33.78 5.78 -0.36
CA PRO A 18 34.23 5.57 -1.73
C PRO A 18 34.28 4.09 -2.10
N ASP A 19 34.17 3.83 -3.39
CA ASP A 19 34.34 2.46 -3.88
C ASP A 19 35.76 1.99 -3.56
N GLY A 20 35.89 0.68 -3.34
CA GLY A 20 37.20 0.08 -3.10
C GLY A 20 37.58 -0.08 -1.63
N GLN A 21 36.78 0.43 -0.70
CA GLN A 21 37.10 0.33 0.73
C GLN A 21 36.42 -0.83 1.41
N ILE A 22 35.17 -1.09 1.07
CA ILE A 22 34.40 -2.17 1.67
C ILE A 22 34.75 -3.46 0.97
N THR A 23 35.15 -4.47 1.74
CA THR A 23 35.33 -5.83 1.24
C THR A 23 34.09 -6.63 1.57
N VAL A 24 33.27 -6.88 0.56
CA VAL A 24 32.01 -7.58 0.78
C VAL A 24 32.30 -9.06 1.00
N GLY A 25 31.71 -9.64 2.05
CA GLY A 25 31.92 -11.04 2.35
C GLY A 25 30.69 -11.92 2.20
N GLN A 26 30.31 -12.59 3.27
CA GLN A 26 29.31 -13.64 3.19
C GLN A 26 27.90 -13.08 3.00
N ARG A 27 27.18 -13.65 2.04
CA ARG A 27 25.80 -13.26 1.78
C ARG A 27 24.88 -13.79 2.89
N ILE A 28 24.08 -12.92 3.50
CA ILE A 28 23.18 -13.31 4.59
C ILE A 28 21.78 -13.63 4.07
N GLY A 29 21.22 -12.75 3.25
CA GLY A 29 19.89 -12.97 2.72
C GLY A 29 19.47 -11.79 1.88
N SER A 30 18.29 -11.92 1.29
CA SER A 30 17.72 -10.90 0.42
C SER A 30 16.38 -10.46 0.98
N GLY A 31 16.14 -9.15 0.94
CA GLY A 31 14.85 -8.61 1.32
C GLY A 31 14.14 -7.94 0.15
N SER A 32 13.30 -6.95 0.46
CA SER A 32 12.60 -6.21 -0.58
C SER A 32 13.48 -5.13 -1.21
N PHE A 33 14.44 -4.57 -0.47
CA PHE A 33 15.35 -3.61 -1.07
C PHE A 33 16.48 -4.31 -1.83
N GLY A 34 17.48 -4.79 -1.10
CA GLY A 34 18.64 -5.41 -1.69
C GLY A 34 19.02 -6.69 -0.98
N THR A 35 20.30 -7.03 -1.08
CA THR A 35 20.89 -8.21 -0.48
C THR A 35 21.83 -7.80 0.64
N VAL A 36 21.70 -8.45 1.80
CA VAL A 36 22.52 -8.15 2.96
C VAL A 36 23.71 -9.09 2.99
N TYR A 37 24.91 -8.51 3.12
CA TYR A 37 26.16 -9.23 3.28
C TYR A 37 26.84 -8.80 4.58
N LYS A 38 27.70 -9.66 5.09
CA LYS A 38 28.73 -9.26 6.04
C LYS A 38 29.93 -8.70 5.28
N GLY A 39 30.60 -7.70 5.85
CA GLY A 39 31.70 -7.05 5.17
C GLY A 39 32.78 -6.62 6.13
N LYS A 40 33.87 -6.09 5.57
CA LYS A 40 34.98 -5.53 6.34
C LYS A 40 35.14 -4.07 5.97
N TRP A 41 35.05 -3.19 6.98
CA TRP A 41 35.33 -1.77 6.81
C TRP A 41 35.65 -1.22 8.19
N HIS A 42 36.94 -1.06 8.49
CA HIS A 42 37.39 -0.68 9.84
C HIS A 42 36.76 -1.57 10.89
N GLY A 43 36.76 -2.87 10.59
CA GLY A 43 36.08 -3.87 11.39
C GLY A 43 34.93 -4.49 10.62
N ASP A 44 34.02 -5.10 11.37
CA ASP A 44 32.86 -5.77 10.82
C ASP A 44 31.78 -4.76 10.46
N VAL A 45 31.13 -4.96 9.31
CA VAL A 45 29.93 -4.19 8.96
C VAL A 45 28.93 -5.12 8.31
N ALA A 46 27.72 -4.62 8.11
CA ALA A 46 26.72 -5.24 7.28
C ALA A 46 26.41 -4.31 6.12
N VAL A 47 26.28 -4.86 4.91
CA VAL A 47 26.05 -4.09 3.70
C VAL A 47 24.75 -4.56 3.06
N LYS A 48 23.80 -3.65 2.89
CA LYS A 48 22.58 -3.92 2.12
C LYS A 48 22.70 -3.19 0.80
N MET A 49 22.80 -3.93 -0.31
CA MET A 49 23.14 -3.33 -1.58
C MET A 49 22.26 -3.85 -2.70
N LEU A 50 22.07 -3.01 -3.72
CA LEU A 50 21.28 -3.34 -4.89
C LEU A 50 22.06 -4.22 -5.85
N ASN A 51 21.31 -4.90 -6.71
CA ASN A 51 21.79 -5.83 -7.72
C ASN A 51 22.13 -5.16 -9.04
N VAL A 52 21.72 -3.89 -9.23
CA VAL A 52 21.75 -3.22 -10.52
C VAL A 52 22.82 -2.14 -10.51
N THR A 53 23.50 -1.97 -11.65
CA THR A 53 24.47 -0.89 -11.79
C THR A 53 23.83 0.42 -12.21
N ALA A 54 22.60 0.39 -12.73
CA ALA A 54 21.86 1.62 -13.04
C ALA A 54 20.50 1.57 -12.35
N PRO A 55 20.37 2.16 -11.17
CA PRO A 55 19.09 2.12 -10.48
C PRO A 55 18.10 3.04 -11.15
N THR A 56 16.82 2.69 -11.03
CA THR A 56 15.76 3.56 -11.53
C THR A 56 15.60 4.76 -10.60
N PRO A 57 14.99 5.86 -11.08
CA PRO A 57 14.66 6.97 -10.16
C PRO A 57 13.90 6.49 -8.94
N GLN A 58 13.04 5.49 -9.09
CA GLN A 58 12.26 4.97 -7.97
C GLN A 58 13.16 4.28 -6.95
N GLN A 59 14.12 3.47 -7.43
CA GLN A 59 15.05 2.83 -6.52
C GLN A 59 15.93 3.85 -5.81
N LEU A 60 16.37 4.87 -6.54
CA LEU A 60 17.23 5.87 -5.95
C LEU A 60 16.48 6.70 -4.90
N GLN A 61 15.20 7.03 -5.17
CA GLN A 61 14.38 7.71 -4.16
C GLN A 61 14.22 6.86 -2.91
N ALA A 62 13.92 5.56 -3.06
CA ALA A 62 13.76 4.70 -1.90
C ALA A 62 15.08 4.59 -1.12
N PHE A 63 16.20 4.59 -1.84
CA PHE A 63 17.50 4.58 -1.20
C PHE A 63 17.76 5.86 -0.40
N LYS A 64 17.50 7.03 -1.00
CA LYS A 64 17.72 8.29 -0.27
C LYS A 64 16.77 8.40 0.92
N ASN A 65 15.55 7.88 0.79
CA ASN A 65 14.64 7.87 1.92
C ASN A 65 15.20 7.06 3.07
N GLU A 66 15.81 5.91 2.78
CA GLU A 66 16.22 5.04 3.87
C GLU A 66 17.52 5.49 4.50
N VAL A 67 18.47 5.94 3.68
CA VAL A 67 19.63 6.64 4.24
C VAL A 67 19.17 7.88 5.01
N GLY A 68 18.18 8.60 4.47
CA GLY A 68 17.70 9.79 5.13
C GLY A 68 17.18 9.54 6.54
N VAL A 69 16.43 8.45 6.74
CA VAL A 69 15.88 8.16 8.07
C VAL A 69 16.97 7.62 8.99
N LEU A 70 17.85 6.75 8.49
CA LEU A 70 18.90 6.18 9.32
C LEU A 70 19.90 7.23 9.80
N ARG A 71 20.20 8.19 8.94
CA ARG A 71 21.12 9.26 9.31
C ARG A 71 20.59 10.09 10.48
N LYS A 72 19.28 10.08 10.72
CA LYS A 72 18.65 10.80 11.82
C LYS A 72 18.67 10.04 13.14
N THR A 73 19.29 8.86 13.22
CA THR A 73 19.22 8.05 14.43
C THR A 73 20.59 7.87 15.04
N ARG A 74 20.69 8.17 16.35
CA ARG A 74 21.89 7.95 17.17
C ARG A 74 21.39 7.49 18.54
N HIS A 75 21.34 6.18 18.74
CA HIS A 75 20.75 5.62 19.95
C HIS A 75 21.19 4.16 20.04
N VAL A 76 21.59 3.75 21.25
CA VAL A 76 22.17 2.42 21.44
C VAL A 76 21.22 1.31 21.01
N ASN A 77 19.92 1.59 20.95
CA ASN A 77 18.92 0.57 20.70
C ASN A 77 18.39 0.61 19.28
N ILE A 78 18.97 1.44 18.42
CA ILE A 78 18.69 1.47 17.00
C ILE A 78 19.94 1.00 16.27
N LEU A 79 19.75 0.09 15.33
CA LEU A 79 20.82 -0.34 14.45
C LEU A 79 21.63 0.85 13.96
N LEU A 80 22.95 0.80 14.17
CA LEU A 80 23.84 1.93 13.93
C LEU A 80 24.14 2.05 12.45
N PHE A 81 23.61 3.09 11.81
CA PHE A 81 24.00 3.47 10.45
C PHE A 81 25.45 3.94 10.44
N MET A 82 26.19 3.54 9.42
CA MET A 82 27.59 3.89 9.30
C MET A 82 27.96 4.61 8.00
N GLY A 83 27.24 4.37 6.91
CA GLY A 83 27.53 5.09 5.69
C GLY A 83 26.78 4.49 4.51
N TYR A 84 27.13 4.96 3.33
CA TYR A 84 26.47 4.47 2.12
C TYR A 84 27.44 4.56 0.95
N SER A 85 27.22 3.72 -0.04
CA SER A 85 27.94 3.74 -1.31
C SER A 85 26.94 3.96 -2.43
N THR A 86 27.38 4.63 -3.51
CA THR A 86 26.60 4.74 -4.72
C THR A 86 27.18 3.99 -5.90
N LYS A 87 28.50 3.78 -5.95
CA LYS A 87 29.10 2.98 -7.00
C LYS A 87 29.86 1.80 -6.41
N PRO A 88 29.91 0.66 -7.11
CA PRO A 88 29.17 0.33 -8.34
C PRO A 88 27.65 0.23 -8.16
N GLN A 89 27.21 -0.02 -6.92
CA GLN A 89 25.80 -0.20 -6.61
C GLN A 89 25.42 0.61 -5.37
N LEU A 90 24.14 0.98 -5.30
CA LEU A 90 23.61 1.60 -4.11
C LEU A 90 23.72 0.62 -2.94
N ALA A 91 24.26 1.11 -1.82
CA ALA A 91 24.59 0.25 -0.72
C ALA A 91 24.49 1.05 0.56
N ILE A 92 23.89 0.45 1.59
CA ILE A 92 23.78 1.04 2.92
C ILE A 92 24.59 0.17 3.87
N VAL A 93 25.45 0.82 4.66
CA VAL A 93 26.44 0.15 5.51
C VAL A 93 26.05 0.42 6.97
N THR A 94 25.97 -0.62 7.78
CA THR A 94 25.63 -0.49 9.19
C THR A 94 26.61 -1.34 9.98
N GLN A 95 26.53 -1.22 11.30
CA GLN A 95 27.28 -2.12 12.16
C GLN A 95 26.87 -3.56 11.90
N TRP A 96 27.75 -4.50 12.26
CA TRP A 96 27.42 -5.92 12.23
C TRP A 96 26.89 -6.34 13.60
N CYS A 97 25.67 -6.85 13.63
CA CYS A 97 25.03 -7.33 14.86
C CYS A 97 25.39 -8.80 15.12
N GLU A 98 25.79 -9.10 16.35
CA GLU A 98 26.25 -10.44 16.75
C GLU A 98 25.16 -11.14 17.53
N GLY A 99 24.82 -12.37 17.13
CA GLY A 99 23.80 -13.14 17.80
C GLY A 99 22.58 -13.37 16.93
N SER A 100 21.40 -13.30 17.55
CA SER A 100 20.16 -13.71 16.91
C SER A 100 19.07 -12.69 17.19
N SER A 101 18.03 -12.73 16.35
CA SER A 101 16.85 -11.92 16.58
C SER A 101 16.10 -12.40 17.81
N LEU A 102 15.26 -11.53 18.37
CA LEU A 102 14.42 -11.94 19.48
C LEU A 102 13.49 -13.08 19.07
N TYR A 103 13.06 -13.10 17.80
CA TYR A 103 12.17 -14.16 17.36
C TYR A 103 12.82 -15.52 17.50
N LYS A 104 14.04 -15.69 16.98
CA LYS A 104 14.72 -16.97 17.09
C LYS A 104 14.89 -17.39 18.54
N HIS A 105 15.21 -16.45 19.42
CA HIS A 105 15.33 -16.78 20.84
C HIS A 105 13.99 -17.27 21.42
N LEU A 106 12.92 -16.51 21.21
CA LEU A 106 11.65 -16.85 21.84
C LEU A 106 11.04 -18.11 21.23
N HIS A 107 11.01 -18.21 19.90
CA HIS A 107 10.15 -19.16 19.22
C HIS A 107 10.86 -20.23 18.42
N ALA A 108 12.17 -20.14 18.26
CA ALA A 108 12.87 -21.09 17.40
C ALA A 108 14.17 -21.50 18.04
N SER A 109 14.17 -21.63 19.36
CA SER A 109 15.31 -22.15 20.08
C SER A 109 14.83 -22.48 21.49
N GLU A 110 15.64 -23.26 22.20
CA GLU A 110 15.36 -23.57 23.60
C GLU A 110 16.03 -22.58 24.55
N THR A 111 16.27 -21.35 24.09
CA THR A 111 16.68 -20.28 25.01
C THR A 111 15.58 -20.04 26.01
N LYS A 112 15.92 -20.13 27.29
CA LYS A 112 15.01 -19.81 28.38
C LYS A 112 15.50 -18.52 29.01
N PHE A 113 14.64 -17.51 29.01
CA PHE A 113 14.95 -16.21 29.57
C PHE A 113 14.37 -16.11 30.97
N GLU A 114 15.15 -15.60 31.91
CA GLU A 114 14.57 -15.24 33.19
C GLU A 114 13.69 -14.00 33.01
N MET A 115 12.69 -13.85 33.88
CA MET A 115 11.78 -12.72 33.75
C MET A 115 12.52 -11.39 33.86
N LYS A 116 13.59 -11.32 34.65
CA LYS A 116 14.37 -10.09 34.70
C LYS A 116 14.88 -9.71 33.31
N LYS A 117 15.36 -10.68 32.55
CA LYS A 117 15.88 -10.40 31.22
C LYS A 117 14.77 -10.01 30.25
N LEU A 118 13.59 -10.63 30.37
CA LEU A 118 12.47 -10.29 29.51
C LEU A 118 12.03 -8.85 29.71
N ILE A 119 11.95 -8.41 30.98
CA ILE A 119 11.69 -7.02 31.30
C ILE A 119 12.76 -6.12 30.70
N ASP A 120 14.02 -6.53 30.83
CA ASP A 120 15.11 -5.71 30.30
C ASP A 120 15.00 -5.55 28.79
N ILE A 121 14.62 -6.62 28.08
CA ILE A 121 14.41 -6.56 26.64
C ILE A 121 13.25 -5.63 26.31
N ALA A 122 12.16 -5.74 27.08
CA ALA A 122 11.04 -4.84 26.89
C ALA A 122 11.46 -3.40 27.12
N ARG A 123 12.27 -3.16 28.16
CA ARG A 123 12.69 -1.81 28.47
C ARG A 123 13.56 -1.22 27.35
N GLN A 124 14.52 -1.99 26.86
CA GLN A 124 15.37 -1.51 25.79
C GLN A 124 14.60 -1.27 24.50
N THR A 125 13.58 -2.08 24.22
CA THR A 125 12.79 -1.88 23.01
C THR A 125 11.96 -0.61 23.11
N ALA A 126 11.43 -0.33 24.31
CA ALA A 126 10.68 0.90 24.51
C ALA A 126 11.57 2.13 24.40
N ARG A 127 12.83 2.01 24.84
CA ARG A 127 13.77 3.12 24.68
C ARG A 127 13.99 3.45 23.21
N GLY A 128 14.28 2.41 22.40
CA GLY A 128 14.46 2.65 20.98
C GLY A 128 13.21 3.20 20.32
N MET A 129 12.05 2.65 20.67
CA MET A 129 10.82 3.12 20.04
C MET A 129 10.49 4.53 20.49
N ASP A 130 10.69 4.83 21.77
CA ASP A 130 10.46 6.18 22.24
C ASP A 130 11.34 7.18 21.49
N TYR A 131 12.59 6.80 21.24
CA TYR A 131 13.50 7.64 20.49
C TYR A 131 13.02 7.85 19.05
N LEU A 132 12.66 6.77 18.36
CA LEU A 132 12.19 6.92 16.98
C LEU A 132 10.97 7.82 16.90
N HIS A 133 10.02 7.65 17.82
CA HIS A 133 8.83 8.48 17.79
C HIS A 133 9.14 9.93 18.11
N ALA A 134 10.10 10.17 19.02
CA ALA A 134 10.46 11.56 19.28
C ALA A 134 11.03 12.22 18.04
N LYS A 135 11.61 11.43 17.13
CA LYS A 135 12.08 11.93 15.84
C LYS A 135 11.00 11.89 14.78
N SER A 136 9.76 11.63 15.16
CA SER A 136 8.65 11.30 14.26
C SER A 136 9.08 10.31 13.17
N ILE A 137 9.60 9.19 13.62
CA ILE A 137 9.82 8.03 12.76
C ILE A 137 8.84 6.94 13.17
N ILE A 138 8.10 6.42 12.19
CA ILE A 138 7.20 5.31 12.40
C ILE A 138 7.89 4.09 11.82
N HIS A 139 8.08 3.05 12.63
CA HIS A 139 8.86 1.91 12.17
C HIS A 139 8.11 1.11 11.14
N ARG A 140 6.80 0.90 11.36
CA ARG A 140 5.78 0.26 10.53
C ARG A 140 5.80 -1.26 10.60
N ASP A 141 6.80 -1.87 11.21
CA ASP A 141 6.83 -3.33 11.20
C ASP A 141 7.60 -3.85 12.40
N LEU A 142 7.27 -3.33 13.58
CA LEU A 142 7.90 -3.83 14.79
C LEU A 142 7.38 -5.22 15.07
N LYS A 143 8.30 -6.12 15.38
CA LYS A 143 8.00 -7.49 15.72
C LYS A 143 9.30 -8.08 16.21
N SER A 144 9.21 -9.24 16.85
CA SER A 144 10.40 -9.83 17.44
C SER A 144 11.45 -10.18 16.40
N ASN A 145 11.07 -10.36 15.14
CA ASN A 145 12.05 -10.59 14.08
C ASN A 145 12.86 -9.34 13.73
N ASN A 146 12.33 -8.15 13.99
CA ASN A 146 13.07 -6.92 13.75
C ASN A 146 13.69 -6.36 15.01
N ILE A 147 13.82 -7.19 16.04
CA ILE A 147 14.53 -6.87 17.27
C ILE A 147 15.70 -7.83 17.35
N PHE A 148 16.92 -7.30 17.23
CA PHE A 148 18.12 -8.12 17.28
C PHE A 148 18.71 -8.02 18.67
N LEU A 149 19.08 -9.16 19.26
CA LEU A 149 19.72 -9.17 20.57
C LEU A 149 21.23 -9.18 20.37
N HIS A 150 21.78 -7.99 20.11
CA HIS A 150 23.20 -7.86 19.85
C HIS A 150 24.01 -8.28 21.08
N GLU A 151 25.03 -9.10 20.85
CA GLU A 151 25.89 -9.64 21.92
C GLU A 151 25.09 -10.23 23.07
N ASP A 152 23.85 -10.66 22.82
CA ASP A 152 22.97 -11.19 23.85
C ASP A 152 22.75 -10.21 25.01
N ASN A 153 22.95 -8.91 24.78
CA ASN A 153 22.76 -7.94 25.85
C ASN A 153 22.19 -6.61 25.40
N THR A 154 22.04 -6.35 24.10
CA THR A 154 21.62 -5.03 23.64
C THR A 154 20.63 -5.19 22.49
N VAL A 155 19.39 -4.81 22.73
CA VAL A 155 18.37 -4.71 21.70
C VAL A 155 18.82 -3.73 20.63
N LYS A 156 18.71 -4.12 19.35
CA LYS A 156 18.89 -3.22 18.20
C LYS A 156 17.63 -3.34 17.35
N ILE A 157 16.85 -2.26 17.28
CA ILE A 157 15.67 -2.26 16.42
C ILE A 157 16.13 -1.92 15.00
N GLY A 158 15.65 -2.68 14.03
CA GLY A 158 15.92 -2.37 12.64
C GLY A 158 14.97 -3.07 11.70
N ASP A 159 15.41 -3.26 10.47
CA ASP A 159 14.68 -4.04 9.48
C ASP A 159 15.56 -5.21 9.12
N PHE A 160 15.31 -6.36 9.75
CA PHE A 160 16.16 -7.54 9.60
C PHE A 160 15.49 -8.66 8.82
N GLY A 161 14.42 -8.36 8.09
CA GLY A 161 13.71 -9.42 7.38
C GLY A 161 14.42 -9.84 6.12
N LEU A 162 14.86 -11.10 6.05
CA LEU A 162 15.61 -11.59 4.90
C LEU A 162 15.15 -12.97 4.51
N ALA A 163 15.09 -13.21 3.19
CA ALA A 163 14.84 -14.52 2.61
C ALA A 163 16.18 -15.15 2.29
N THR A 164 16.61 -16.10 3.13
CA THR A 164 17.86 -16.81 2.88
C THR A 164 17.69 -17.84 1.77
N GLN A 174 10.25 -22.19 -3.03
CA GLN A 174 9.68 -21.97 -4.37
C GLN A 174 8.66 -20.81 -4.37
N PHE A 175 7.54 -20.99 -3.68
CA PHE A 175 6.47 -20.00 -3.69
C PHE A 175 6.92 -18.67 -3.07
N GLU A 176 6.29 -17.58 -3.52
CA GLU A 176 6.60 -16.24 -3.04
C GLU A 176 5.87 -15.97 -1.73
N GLN A 177 6.55 -15.28 -0.81
CA GLN A 177 5.91 -14.86 0.44
C GLN A 177 5.00 -13.68 0.14
N LEU A 178 3.68 -13.88 0.32
CA LEU A 178 2.67 -12.86 0.06
C LEU A 178 2.11 -12.24 1.33
N SER A 179 2.33 -12.85 2.49
CA SER A 179 1.65 -12.45 3.70
C SER A 179 2.46 -11.41 4.47
N GLY A 180 1.77 -10.43 5.06
CA GLY A 180 2.38 -9.47 5.95
C GLY A 180 2.49 -9.98 7.36
N SER A 181 2.92 -9.09 8.26
CA SER A 181 3.18 -9.40 9.67
C SER A 181 1.88 -9.40 10.49
N ILE A 182 0.93 -10.23 10.06
CA ILE A 182 -0.46 -10.06 10.52
C ILE A 182 -0.60 -10.18 12.02
N LEU A 183 0.32 -10.87 12.70
CA LEU A 183 0.11 -11.08 14.13
C LEU A 183 0.40 -9.82 14.94
N TRP A 184 1.20 -8.90 14.41
CA TRP A 184 1.53 -7.64 15.06
C TRP A 184 0.75 -6.44 14.50
N MET A 185 -0.19 -6.67 13.58
CA MET A 185 -0.96 -5.59 12.96
C MET A 185 -2.18 -5.23 13.82
N ALA A 186 -2.29 -3.95 14.18
CA ALA A 186 -3.45 -3.44 14.88
C ALA A 186 -4.72 -3.64 14.04
N PRO A 187 -5.89 -3.66 14.67
CA PRO A 187 -7.12 -3.80 13.87
C PRO A 187 -7.22 -2.80 12.72
N GLU A 188 -6.90 -1.54 12.97
CA GLU A 188 -7.06 -0.54 11.92
C GLU A 188 -6.05 -0.75 10.80
N VAL A 189 -4.92 -1.39 11.10
CA VAL A 189 -3.94 -1.74 10.07
C VAL A 189 -4.38 -2.99 9.32
N ILE A 190 -4.85 -4.01 10.05
CA ILE A 190 -5.19 -5.25 9.39
C ILE A 190 -6.46 -5.09 8.56
N ARG A 191 -7.24 -4.04 8.82
CA ARG A 191 -8.35 -3.58 7.99
C ARG A 191 -7.84 -3.01 6.66
N MET A 192 -7.25 -1.80 6.71
CA MET A 192 -6.86 -1.00 5.55
C MET A 192 -8.10 -0.47 4.83
N ASN A 196 -4.01 6.15 5.55
CA ASN A 196 -2.81 6.14 6.39
C ASN A 196 -3.03 5.28 7.64
N PRO A 197 -3.03 3.94 7.47
CA PRO A 197 -3.26 3.09 8.64
C PRO A 197 -2.09 3.11 9.61
N TYR A 198 -0.86 3.14 9.10
CA TYR A 198 0.30 3.12 9.97
C TYR A 198 0.47 4.46 10.66
N SER A 199 0.79 4.42 11.96
CA SER A 199 0.86 5.61 12.79
C SER A 199 1.71 5.30 14.01
N PHE A 200 1.91 6.31 14.86
CA PHE A 200 2.57 6.02 16.13
C PHE A 200 1.78 5.00 16.91
N GLN A 201 0.44 5.08 16.84
CA GLN A 201 -0.39 4.20 17.64
C GLN A 201 -0.39 2.77 17.09
N SER A 202 -0.16 2.60 15.80
CA SER A 202 -0.03 1.22 15.35
C SER A 202 1.31 0.63 15.75
N ASP A 203 2.36 1.46 15.87
CA ASP A 203 3.62 0.94 16.42
C ASP A 203 3.45 0.53 17.89
N VAL A 204 2.66 1.28 18.65
CA VAL A 204 2.43 0.94 20.05
C VAL A 204 1.72 -0.40 20.16
N TYR A 205 0.71 -0.64 19.31
CA TYR A 205 0.03 -1.94 19.33
C TYR A 205 1.00 -3.07 19.03
N ALA A 206 1.83 -2.90 18.01
CA ALA A 206 2.83 -3.91 17.69
C ALA A 206 3.78 -4.13 18.86
N PHE A 207 4.16 -3.06 19.55
CA PHE A 207 4.94 -3.24 20.76
C PHE A 207 4.17 -4.04 21.79
N GLY A 208 2.84 -3.89 21.84
CA GLY A 208 2.05 -4.67 22.77
C GLY A 208 2.12 -6.15 22.47
N ILE A 209 2.15 -6.51 21.17
CA ILE A 209 2.28 -7.91 20.80
C ILE A 209 3.67 -8.43 21.14
N VAL A 210 4.69 -7.59 21.02
CA VAL A 210 6.02 -7.97 21.47
C VAL A 210 6.03 -8.23 22.96
N LEU A 211 5.35 -7.39 23.74
CA LEU A 211 5.24 -7.67 25.16
C LEU A 211 4.58 -9.01 25.38
N TYR A 212 3.55 -9.32 24.59
CA TYR A 212 2.91 -10.62 24.69
C TYR A 212 3.89 -11.75 24.40
N GLU A 213 4.67 -11.63 23.33
CA GLU A 213 5.71 -12.63 23.05
C GLU A 213 6.65 -12.80 24.24
N LEU A 214 7.14 -11.68 24.79
CA LEU A 214 8.10 -11.77 25.89
C LEU A 214 7.47 -12.43 27.12
N MET A 215 6.28 -11.97 27.50
CA MET A 215 5.63 -12.39 28.75
C MET A 215 4.85 -13.71 28.66
N THR A 216 4.45 -14.17 27.48
CA THR A 216 3.90 -15.53 27.40
C THR A 216 4.85 -16.53 26.78
N GLY A 217 5.81 -16.08 25.98
CA GLY A 217 6.65 -17.03 25.29
C GLY A 217 6.05 -17.62 24.04
N GLN A 218 4.88 -17.14 23.62
CA GLN A 218 4.30 -17.65 22.38
C GLN A 218 3.75 -16.50 21.56
N LEU A 219 3.27 -16.84 20.40
CA LEU A 219 2.60 -15.90 19.53
C LEU A 219 1.10 -15.90 19.80
N PRO A 220 0.41 -14.82 19.48
CA PRO A 220 -1.04 -14.81 19.65
C PRO A 220 -1.75 -15.69 18.63
N TYR A 221 -2.93 -16.16 19.00
CA TYR A 221 -3.87 -16.84 18.10
C TYR A 221 -3.32 -18.18 17.66
N SER A 222 -2.62 -18.87 18.55
CA SER A 222 -1.96 -20.10 18.14
C SER A 222 -2.94 -21.24 17.89
N ASN A 223 -4.20 -21.09 18.27
CA ASN A 223 -5.23 -22.09 18.04
C ASN A 223 -6.05 -21.82 16.78
N ILE A 224 -5.67 -20.82 15.98
CA ILE A 224 -6.42 -20.40 14.81
C ILE A 224 -5.47 -20.55 13.62
N ASN A 225 -5.57 -21.65 12.90
CA ASN A 225 -4.63 -21.88 11.80
C ASN A 225 -4.95 -21.03 10.59
N ASN A 226 -6.24 -20.74 10.34
CA ASN A 226 -6.67 -20.04 9.14
C ASN A 226 -6.40 -18.55 9.30
N ARG A 227 -5.48 -18.03 8.48
CA ARG A 227 -5.09 -16.62 8.57
C ARG A 227 -6.22 -15.69 8.21
N ASP A 228 -7.11 -16.10 7.29
CA ASP A 228 -8.26 -15.25 6.96
C ASP A 228 -9.14 -15.04 8.17
N GLN A 229 -9.37 -16.09 8.96
CA GLN A 229 -10.18 -15.93 10.15
C GLN A 229 -9.52 -14.97 11.12
N ILE A 230 -8.20 -15.05 11.26
CA ILE A 230 -7.49 -14.10 12.12
C ILE A 230 -7.71 -12.68 11.62
N ILE A 231 -7.54 -12.48 10.32
CA ILE A 231 -7.68 -11.14 9.73
C ILE A 231 -9.07 -10.61 9.97
N GLU A 232 -10.07 -11.44 9.69
CA GLU A 232 -11.47 -11.06 9.90
C GLU A 232 -11.75 -10.74 11.35
N MET A 233 -11.33 -11.60 12.28
CA MET A 233 -11.67 -11.40 13.69
C MET A 233 -10.89 -10.26 14.33
N VAL A 234 -9.63 -10.06 13.96
CA VAL A 234 -8.90 -8.96 14.58
C VAL A 234 -9.36 -7.62 14.02
N GLY A 235 -9.64 -7.55 12.72
CA GLY A 235 -9.92 -6.27 12.10
C GLY A 235 -11.36 -5.80 12.24
N ARG A 236 -12.28 -6.73 12.43
CA ARG A 236 -13.71 -6.44 12.54
C ARG A 236 -14.27 -6.73 13.91
N GLY A 237 -13.93 -7.89 14.45
CA GLY A 237 -14.53 -8.30 15.70
C GLY A 237 -13.72 -7.87 16.90
N SER A 238 -13.67 -8.74 17.89
CA SER A 238 -13.01 -8.43 19.14
C SER A 238 -11.97 -9.47 19.51
N LEU A 239 -11.45 -10.22 18.52
CA LEU A 239 -10.30 -11.09 18.77
C LEU A 239 -9.09 -10.27 19.22
N SER A 240 -8.53 -10.63 20.37
CA SER A 240 -7.36 -9.99 20.94
C SER A 240 -6.60 -11.05 21.73
N PRO A 241 -5.30 -10.87 21.94
CA PRO A 241 -4.51 -11.96 22.51
C PRO A 241 -5.06 -12.38 23.86
N ASP A 242 -4.89 -13.67 24.17
CA ASP A 242 -5.38 -14.23 25.43
C ASP A 242 -4.35 -13.94 26.50
N LEU A 243 -4.63 -12.92 27.32
CA LEU A 243 -3.72 -12.51 28.38
C LEU A 243 -3.70 -13.48 29.56
N SER A 244 -4.51 -14.54 29.55
CA SER A 244 -4.36 -15.50 30.64
C SER A 244 -3.11 -16.35 30.48
N LYS A 245 -2.40 -16.24 29.37
CA LYS A 245 -1.22 -17.04 29.12
C LYS A 245 0.08 -16.39 29.58
N VAL A 246 0.04 -15.18 30.13
CA VAL A 246 1.26 -14.57 30.66
C VAL A 246 1.77 -15.36 31.86
N ARG A 247 3.10 -15.49 31.95
CA ARG A 247 3.71 -16.26 33.02
C ARG A 247 3.32 -15.69 34.38
N SER A 248 3.24 -16.56 35.37
CA SER A 248 2.75 -16.16 36.68
C SER A 248 3.61 -15.06 37.30
N ASN A 249 4.90 -15.04 37.02
CA ASN A 249 5.80 -14.06 37.60
C ASN A 249 5.92 -12.80 36.76
N CYS A 250 5.00 -12.58 35.84
CA CYS A 250 5.00 -11.33 35.09
C CYS A 250 4.41 -10.23 35.95
N PRO A 251 5.15 -9.15 36.22
CA PRO A 251 4.62 -8.08 37.07
C PRO A 251 3.23 -7.64 36.64
N LYS A 252 2.37 -7.33 37.62
CA LYS A 252 1.02 -6.89 37.32
C LYS A 252 1.02 -5.62 36.47
N ARG A 253 1.91 -4.67 36.78
CA ARG A 253 2.01 -3.45 35.99
C ARG A 253 2.34 -3.75 34.54
N MET A 254 3.18 -4.74 34.28
CA MET A 254 3.53 -5.09 32.91
C MET A 254 2.33 -5.68 32.19
N LYS A 255 1.62 -6.59 32.84
CA LYS A 255 0.39 -7.14 32.27
C LYS A 255 -0.60 -6.03 31.95
N ARG A 256 -0.72 -5.04 32.86
CA ARG A 256 -1.66 -3.95 32.63
C ARG A 256 -1.22 -3.06 31.49
N LEU A 257 0.08 -2.83 31.37
CA LEU A 257 0.60 -1.99 30.28
C LEU A 257 0.35 -2.65 28.94
N MET A 258 0.62 -3.94 28.85
CA MET A 258 0.37 -4.70 27.63
C MET A 258 -1.07 -4.54 27.16
N ALA A 259 -2.03 -4.62 28.08
CA ALA A 259 -3.44 -4.49 27.70
C ALA A 259 -3.73 -3.11 27.15
N GLU A 260 -3.10 -2.08 27.72
CA GLU A 260 -3.27 -0.72 27.21
C GLU A 260 -2.73 -0.59 25.81
N CYS A 261 -1.55 -1.17 25.54
CA CYS A 261 -0.98 -1.09 24.21
C CYS A 261 -1.86 -1.80 23.19
N LEU A 262 -2.63 -2.78 23.61
CA LEU A 262 -3.42 -3.63 22.73
C LEU A 262 -4.86 -3.16 22.55
N LYS A 263 -5.23 -1.98 23.08
CA LYS A 263 -6.59 -1.48 22.92
C LYS A 263 -6.94 -1.37 21.44
N LYS A 264 -8.18 -1.78 21.11
CA LYS A 264 -8.63 -1.76 19.72
C LYS A 264 -8.75 -0.34 19.19
N LYS A 265 -9.40 0.54 19.94
CA LYS A 265 -9.46 1.95 19.58
C LYS A 265 -8.07 2.54 19.71
N ARG A 266 -7.51 3.02 18.60
CA ARG A 266 -6.10 3.42 18.62
C ARG A 266 -5.84 4.63 19.49
N ASP A 267 -6.84 5.47 19.76
CA ASP A 267 -6.60 6.64 20.58
C ASP A 267 -6.65 6.33 22.08
N GLU A 268 -7.01 5.11 22.47
CA GLU A 268 -6.89 4.69 23.85
C GLU A 268 -5.53 4.09 24.17
N ARG A 269 -4.72 3.77 23.18
CA ARG A 269 -3.40 3.24 23.47
C ARG A 269 -2.52 4.36 24.05
N PRO A 270 -1.65 4.04 25.01
CA PRO A 270 -0.70 5.05 25.49
C PRO A 270 0.31 5.42 24.42
N SER A 271 1.06 6.50 24.68
CA SER A 271 2.21 6.85 23.87
C SER A 271 3.49 6.38 24.54
N PHE A 272 4.57 6.34 23.76
CA PHE A 272 5.80 5.71 24.22
C PHE A 272 6.49 6.44 25.37
N PRO A 273 6.30 7.74 25.60
CA PRO A 273 6.86 8.30 26.83
C PRO A 273 6.26 7.69 28.07
N ARG A 274 4.94 7.50 28.09
CA ARG A 274 4.32 6.79 29.21
C ARG A 274 4.74 5.33 29.25
N ILE A 275 4.83 4.67 28.08
CA ILE A 275 5.23 3.26 28.06
C ILE A 275 6.60 3.09 28.67
N LEU A 276 7.57 3.90 28.22
CA LEU A 276 8.92 3.84 28.78
C LEU A 276 8.90 4.13 30.28
N ALA A 277 8.34 5.27 30.68
CA ALA A 277 8.30 5.61 32.09
C ALA A 277 7.73 4.46 32.91
N GLU A 278 6.68 3.82 32.39
CA GLU A 278 6.05 2.74 33.14
C GLU A 278 6.96 1.51 33.25
N ILE A 279 7.67 1.16 32.18
CA ILE A 279 8.54 -0.02 32.22
C ILE A 279 9.78 0.24 33.07
N GLU A 280 10.37 1.44 32.94
CA GLU A 280 11.53 1.76 33.76
C GLU A 280 11.19 1.73 35.24
N GLU A 281 9.99 2.20 35.60
CA GLU A 281 9.59 2.30 37.00
C GLU A 281 9.26 0.95 37.61
N LEU A 282 8.56 0.08 36.87
CA LEU A 282 8.26 -1.24 37.42
C LEU A 282 9.52 -2.11 37.48
N ALA A 283 10.46 -1.91 36.56
CA ALA A 283 11.73 -2.63 36.62
C ALA A 283 12.52 -2.26 37.88
N ARG A 284 12.55 -0.97 38.23
CA ARG A 284 13.20 -0.54 39.47
C ARG A 284 12.53 -1.14 40.68
N GLU A 285 11.22 -1.35 40.63
CA GLU A 285 10.55 -2.03 41.73
C GLU A 285 11.08 -3.45 41.93
N LEU A 286 11.55 -4.09 40.85
CA LEU A 286 12.09 -5.43 40.98
C LEU A 286 13.48 -5.44 41.63
N SER A 287 14.22 -4.35 41.51
CA SER A 287 15.55 -4.28 42.14
C SER A 287 15.49 -3.67 43.54
N ASP B 14 4.91 -25.10 -23.60
CA ASP B 14 5.82 -24.35 -22.74
C ASP B 14 6.46 -23.16 -23.46
N TRP B 15 6.74 -22.10 -22.70
CA TRP B 15 7.14 -20.81 -23.26
C TRP B 15 8.57 -20.44 -22.95
N GLU B 16 9.40 -21.39 -22.52
CA GLU B 16 10.80 -21.07 -22.27
C GLU B 16 11.60 -21.14 -23.56
N ILE B 17 12.44 -20.14 -23.79
CA ILE B 17 13.23 -20.02 -25.01
C ILE B 17 14.66 -20.45 -24.68
N PRO B 18 15.24 -21.40 -25.41
CA PRO B 18 16.57 -21.91 -25.04
C PRO B 18 17.66 -20.86 -25.18
N ASP B 19 18.72 -21.04 -24.39
CA ASP B 19 19.82 -20.08 -24.35
C ASP B 19 20.38 -19.84 -25.75
N GLY B 20 20.81 -18.60 -25.98
CA GLY B 20 21.47 -18.26 -27.23
C GLY B 20 20.60 -18.28 -28.46
N GLN B 21 19.28 -18.20 -28.30
CA GLN B 21 18.36 -18.01 -29.41
C GLN B 21 17.99 -16.55 -29.60
N ILE B 22 17.82 -15.84 -28.49
CA ILE B 22 17.45 -14.43 -28.53
C ILE B 22 18.71 -13.61 -28.79
N THR B 23 18.72 -12.85 -29.88
CA THR B 23 19.74 -11.83 -30.09
C THR B 23 19.21 -10.52 -29.52
N VAL B 24 19.97 -9.91 -28.63
CA VAL B 24 19.59 -8.64 -28.02
C VAL B 24 20.22 -7.51 -28.80
N GLY B 25 19.47 -6.41 -28.98
CA GLY B 25 19.96 -5.25 -29.70
C GLY B 25 19.96 -3.98 -28.87
N GLN B 26 19.54 -2.87 -29.46
CA GLN B 26 19.69 -1.57 -28.83
C GLN B 26 18.67 -1.37 -27.73
N ARG B 27 19.13 -0.86 -26.59
CA ARG B 27 18.21 -0.52 -25.51
C ARG B 27 17.27 0.60 -25.94
N ILE B 28 16.01 0.50 -25.54
CA ILE B 28 15.01 1.52 -25.85
C ILE B 28 15.08 2.59 -24.77
N GLY B 29 15.24 3.84 -25.18
CA GLY B 29 15.29 4.94 -24.25
C GLY B 29 16.70 5.47 -24.03
N SER B 30 16.77 6.57 -23.28
CA SER B 30 18.02 7.24 -22.97
C SER B 30 18.60 6.85 -21.62
N GLY B 31 17.77 6.77 -20.57
CA GLY B 31 18.26 6.40 -19.26
C GLY B 31 18.96 5.05 -19.25
N SER B 32 20.15 4.99 -18.64
CA SER B 32 20.88 3.72 -18.60
C SER B 32 20.24 2.70 -17.69
N PHE B 33 19.15 3.05 -17.00
CA PHE B 33 18.41 2.11 -16.18
C PHE B 33 17.32 1.37 -16.95
N GLY B 34 17.12 1.66 -18.24
CA GLY B 34 16.06 1.01 -18.99
C GLY B 34 16.27 -0.49 -19.09
N THR B 35 15.15 -1.22 -19.19
CA THR B 35 15.18 -2.66 -19.28
C THR B 35 14.78 -3.22 -20.64
N VAL B 36 14.20 -2.42 -21.53
CA VAL B 36 13.65 -2.93 -22.79
C VAL B 36 14.68 -2.78 -23.91
N TYR B 37 14.78 -3.84 -24.71
CA TYR B 37 15.69 -3.91 -25.83
C TYR B 37 14.92 -4.38 -27.05
N LYS B 38 15.31 -3.87 -28.22
CA LYS B 38 14.90 -4.51 -29.46
C LYS B 38 15.77 -5.73 -29.68
N GLY B 39 15.15 -6.85 -30.03
CA GLY B 39 15.87 -8.08 -30.26
C GLY B 39 15.34 -8.82 -31.48
N LYS B 40 15.97 -9.96 -31.76
CA LYS B 40 15.59 -10.79 -32.90
C LYS B 40 15.32 -12.21 -32.41
N TRP B 41 14.13 -12.73 -32.73
CA TRP B 41 13.80 -14.12 -32.42
C TRP B 41 12.65 -14.48 -33.34
N HIS B 42 12.94 -15.27 -34.38
CA HIS B 42 11.99 -15.55 -35.46
C HIS B 42 11.32 -14.28 -35.95
N GLY B 43 12.14 -13.24 -36.14
CA GLY B 43 11.64 -11.92 -36.50
C GLY B 43 11.96 -10.91 -35.43
N ASP B 44 11.25 -9.78 -35.42
CA ASP B 44 11.50 -8.75 -34.42
C ASP B 44 10.79 -9.11 -33.13
N VAL B 45 11.43 -8.80 -32.01
CA VAL B 45 10.86 -8.96 -30.69
C VAL B 45 11.33 -7.80 -29.82
N ALA B 46 10.62 -7.59 -28.72
CA ALA B 46 11.09 -6.76 -27.62
C ALA B 46 11.44 -7.66 -26.44
N VAL B 47 12.51 -7.29 -25.73
CA VAL B 47 13.02 -8.08 -24.62
C VAL B 47 13.11 -7.17 -23.41
N LYS B 48 12.48 -7.59 -22.30
CA LYS B 48 12.59 -6.90 -21.03
C LYS B 48 13.51 -7.74 -20.15
N MET B 49 14.67 -7.18 -19.79
CA MET B 49 15.74 -7.94 -19.17
C MET B 49 16.13 -7.35 -17.83
N LEU B 50 16.21 -8.21 -16.84
CA LEU B 50 16.83 -7.90 -15.55
C LEU B 50 18.33 -8.09 -15.73
N ASN B 51 19.07 -6.99 -15.91
CA ASN B 51 20.51 -7.11 -16.15
C ASN B 51 21.28 -7.13 -14.82
N VAL B 52 21.38 -8.33 -14.25
CA VAL B 52 22.14 -8.59 -13.04
C VAL B 52 22.81 -9.94 -13.20
N THR B 53 23.93 -10.13 -12.51
CA THR B 53 24.68 -11.37 -12.68
C THR B 53 24.00 -12.56 -12.00
N ALA B 54 23.27 -12.32 -10.93
CA ALA B 54 22.52 -13.36 -10.24
C ALA B 54 21.27 -12.73 -9.63
N PRO B 55 20.08 -13.15 -10.04
CA PRO B 55 18.87 -12.51 -9.51
C PRO B 55 18.62 -12.91 -8.07
N THR B 56 17.98 -12.02 -7.34
CA THR B 56 17.54 -12.34 -5.98
C THR B 56 16.29 -13.22 -6.06
N PRO B 57 15.88 -13.83 -4.94
CA PRO B 57 14.61 -14.57 -4.97
C PRO B 57 13.43 -13.69 -5.32
N GLN B 58 13.34 -12.49 -4.74
CA GLN B 58 12.24 -11.59 -5.06
C GLN B 58 12.24 -11.18 -6.52
N GLN B 59 13.43 -10.94 -7.10
CA GLN B 59 13.48 -10.67 -8.54
C GLN B 59 13.02 -11.88 -9.35
N LEU B 60 13.48 -13.07 -8.96
CA LEU B 60 12.99 -14.31 -9.56
C LEU B 60 11.47 -14.39 -9.51
N GLN B 61 10.87 -14.10 -8.34
CA GLN B 61 9.42 -14.18 -8.19
C GLN B 61 8.72 -13.09 -9.01
N ALA B 62 9.24 -11.87 -8.99
CA ALA B 62 8.64 -10.82 -9.82
C ALA B 62 8.63 -11.22 -11.28
N PHE B 63 9.72 -11.80 -11.75
CA PHE B 63 9.80 -12.29 -13.13
C PHE B 63 8.74 -13.37 -13.38
N LYS B 64 8.53 -14.28 -12.41
CA LYS B 64 7.55 -15.33 -12.62
C LYS B 64 6.14 -14.81 -12.47
N ASN B 65 5.93 -13.78 -11.65
CA ASN B 65 4.60 -13.22 -11.52
C ASN B 65 4.15 -12.59 -12.83
N GLU B 66 5.04 -11.82 -13.47
CA GLU B 66 4.67 -11.14 -14.70
C GLU B 66 4.42 -12.14 -15.82
N VAL B 67 5.34 -13.07 -16.02
CA VAL B 67 5.12 -14.11 -17.03
C VAL B 67 3.82 -14.84 -16.75
N GLY B 68 3.48 -15.02 -15.47
CA GLY B 68 2.25 -15.72 -15.14
C GLY B 68 1.00 -14.98 -15.59
N VAL B 69 1.03 -13.65 -15.52
CA VAL B 69 -0.11 -12.86 -15.96
C VAL B 69 -0.14 -12.77 -17.49
N LEU B 70 1.00 -12.43 -18.09
CA LEU B 70 1.08 -12.31 -19.54
C LEU B 70 0.60 -13.58 -20.24
N ARG B 71 0.97 -14.77 -19.74
CA ARG B 71 0.59 -15.96 -20.48
C ARG B 71 -0.89 -16.26 -20.39
N LYS B 72 -1.66 -15.49 -19.64
CA LYS B 72 -3.10 -15.67 -19.61
C LYS B 72 -3.83 -14.72 -20.56
N THR B 73 -3.11 -13.95 -21.37
CA THR B 73 -3.72 -13.03 -22.32
C THR B 73 -3.46 -13.47 -23.75
N ARG B 74 -4.52 -13.46 -24.57
CA ARG B 74 -4.46 -13.64 -26.03
C ARG B 74 -5.54 -12.73 -26.62
N HIS B 75 -5.16 -11.55 -27.08
CA HIS B 75 -6.14 -10.59 -27.58
C HIS B 75 -5.40 -9.54 -28.39
N VAL B 76 -6.01 -9.12 -29.50
CA VAL B 76 -5.30 -8.28 -30.45
C VAL B 76 -4.92 -6.95 -29.82
N ASN B 77 -5.64 -6.54 -28.79
CA ASN B 77 -5.37 -5.25 -28.16
C ASN B 77 -4.52 -5.37 -26.90
N ILE B 78 -4.00 -6.56 -26.61
CA ILE B 78 -3.05 -6.75 -25.53
C ILE B 78 -1.70 -7.11 -26.16
N LEU B 79 -0.66 -6.42 -25.73
CA LEU B 79 0.70 -6.75 -26.12
C LEU B 79 0.88 -8.26 -26.14
N LEU B 80 1.44 -8.79 -27.22
CA LEU B 80 1.52 -10.24 -27.37
C LEU B 80 2.74 -10.76 -26.63
N PHE B 81 2.53 -11.49 -25.53
CA PHE B 81 3.62 -12.22 -24.89
C PHE B 81 4.04 -13.38 -25.78
N MET B 82 5.34 -13.63 -25.89
CA MET B 82 5.83 -14.67 -26.77
C MET B 82 6.68 -15.74 -26.10
N GLY B 83 7.43 -15.40 -25.05
CA GLY B 83 8.23 -16.38 -24.36
C GLY B 83 9.07 -15.73 -23.28
N TYR B 84 9.88 -16.56 -22.61
CA TYR B 84 10.81 -16.04 -21.62
C TYR B 84 12.10 -16.84 -21.63
N SER B 85 13.13 -16.25 -21.03
CA SER B 85 14.41 -16.93 -20.90
C SER B 85 14.96 -16.72 -19.49
N THR B 86 15.84 -17.62 -19.07
CA THR B 86 16.44 -17.54 -17.76
C THR B 86 17.95 -17.37 -17.78
N LYS B 87 18.63 -17.86 -18.82
CA LYS B 87 20.06 -17.68 -19.01
C LYS B 87 20.29 -16.86 -20.27
N PRO B 88 21.25 -15.92 -20.28
CA PRO B 88 22.12 -15.50 -19.18
C PRO B 88 21.42 -14.65 -18.13
N GLN B 89 20.23 -14.14 -18.43
CA GLN B 89 19.50 -13.32 -17.48
C GLN B 89 18.02 -13.61 -17.60
N LEU B 90 17.27 -13.10 -16.63
CA LEU B 90 15.82 -13.16 -16.69
C LEU B 90 15.34 -12.20 -17.77
N ALA B 91 14.60 -12.71 -18.75
CA ALA B 91 14.16 -11.91 -19.88
C ALA B 91 12.78 -12.34 -20.31
N ILE B 92 11.88 -11.37 -20.48
CA ILE B 92 10.54 -11.59 -21.00
C ILE B 92 10.53 -11.09 -22.44
N VAL B 93 9.98 -11.92 -23.35
CA VAL B 93 9.98 -11.63 -24.77
C VAL B 93 8.55 -11.42 -25.24
N THR B 94 8.33 -10.33 -25.99
CA THR B 94 7.05 -10.00 -26.60
C THR B 94 7.28 -9.61 -28.06
N GLN B 95 6.18 -9.48 -28.80
CA GLN B 95 6.24 -8.87 -30.12
C GLN B 95 6.88 -7.49 -30.05
N TRP B 96 7.47 -7.07 -31.17
CA TRP B 96 7.97 -5.72 -31.31
C TRP B 96 6.86 -4.82 -31.84
N CYS B 97 6.59 -3.72 -31.15
CA CYS B 97 5.54 -2.79 -31.58
C CYS B 97 6.12 -1.66 -32.42
N GLU B 98 5.47 -1.38 -33.55
CA GLU B 98 5.91 -0.35 -34.48
C GLU B 98 5.09 0.92 -34.31
N GLY B 99 5.78 2.05 -34.07
CA GLY B 99 5.14 3.35 -33.99
C GLY B 99 5.44 4.00 -32.66
N SER B 100 4.40 4.58 -32.04
CA SER B 100 4.58 5.41 -30.84
C SER B 100 3.46 5.15 -29.85
N SER B 101 3.71 5.54 -28.61
CA SER B 101 2.63 5.48 -27.62
C SER B 101 1.59 6.56 -27.93
N LEU B 102 0.40 6.38 -27.37
CA LEU B 102 -0.63 7.41 -27.47
C LEU B 102 -0.21 8.71 -26.82
N TYR B 103 0.56 8.63 -25.72
CA TYR B 103 1.03 9.83 -25.06
C TYR B 103 1.85 10.68 -26.01
N LYS B 104 2.69 10.04 -26.81
CA LYS B 104 3.56 10.78 -27.72
C LYS B 104 2.75 11.42 -28.83
N HIS B 105 1.78 10.69 -29.38
CA HIS B 105 0.92 11.28 -30.41
C HIS B 105 0.15 12.47 -29.86
N LEU B 106 -0.42 12.35 -28.67
CA LEU B 106 -1.24 13.43 -28.15
C LEU B 106 -0.40 14.60 -27.65
N HIS B 107 0.66 14.33 -26.88
CA HIS B 107 1.31 15.37 -26.10
C HIS B 107 2.73 15.70 -26.50
N ALA B 108 3.39 14.86 -27.29
CA ALA B 108 4.80 15.08 -27.62
C ALA B 108 5.02 15.08 -29.12
N SER B 109 3.98 15.42 -29.88
CA SER B 109 4.14 15.49 -31.32
C SER B 109 2.92 16.18 -31.88
N GLU B 110 3.06 16.71 -33.08
CA GLU B 110 1.98 17.49 -33.64
C GLU B 110 1.08 16.58 -34.45
N THR B 111 0.99 15.32 -34.03
CA THR B 111 -0.04 14.42 -34.49
C THR B 111 -1.40 14.99 -34.11
N LYS B 112 -2.24 15.21 -35.10
CA LYS B 112 -3.65 15.52 -34.89
C LYS B 112 -4.48 14.37 -35.43
N PHE B 113 -5.39 13.86 -34.63
CA PHE B 113 -6.28 12.78 -35.03
C PHE B 113 -7.63 13.34 -35.43
N GLU B 114 -8.29 12.66 -36.36
CA GLU B 114 -9.70 12.90 -36.62
C GLU B 114 -10.52 12.32 -35.48
N MET B 115 -11.69 12.93 -35.23
CA MET B 115 -12.57 12.42 -34.18
C MET B 115 -12.87 10.93 -34.38
N LYS B 116 -13.07 10.51 -35.61
CA LYS B 116 -13.30 9.09 -35.88
C LYS B 116 -12.14 8.24 -35.38
N LYS B 117 -10.91 8.66 -35.65
CA LYS B 117 -9.72 7.95 -35.17
C LYS B 117 -9.63 7.98 -33.64
N LEU B 118 -9.98 9.10 -33.02
CA LEU B 118 -9.96 9.18 -31.57
C LEU B 118 -10.99 8.25 -30.94
N ILE B 119 -12.16 8.13 -31.57
CA ILE B 119 -13.17 7.20 -31.07
C ILE B 119 -12.69 5.77 -31.25
N ASP B 120 -12.06 5.48 -32.38
CA ASP B 120 -11.58 4.13 -32.61
C ASP B 120 -10.51 3.75 -31.61
N ILE B 121 -9.64 4.70 -31.24
CA ILE B 121 -8.63 4.39 -30.23
C ILE B 121 -9.29 4.09 -28.89
N ALA B 122 -10.31 4.88 -28.53
CA ALA B 122 -11.04 4.62 -27.29
C ALA B 122 -11.74 3.27 -27.33
N ARG B 123 -12.31 2.91 -28.49
CA ARG B 123 -13.01 1.63 -28.60
C ARG B 123 -12.06 0.45 -28.43
N GLN B 124 -10.94 0.46 -29.15
CA GLN B 124 -9.96 -0.60 -29.03
C GLN B 124 -9.38 -0.69 -27.63
N THR B 125 -9.19 0.44 -26.96
CA THR B 125 -8.68 0.37 -25.59
C THR B 125 -9.75 -0.21 -24.67
N ALA B 126 -11.03 0.04 -24.98
CA ALA B 126 -12.09 -0.58 -24.20
C ALA B 126 -12.15 -2.08 -24.40
N ARG B 127 -11.80 -2.56 -25.60
CA ARG B 127 -11.83 -3.99 -25.86
C ARG B 127 -10.74 -4.69 -25.06
N GLY B 128 -9.52 -4.13 -25.06
CA GLY B 128 -8.45 -4.72 -24.30
C GLY B 128 -8.71 -4.67 -22.82
N MET B 129 -9.22 -3.56 -22.32
CA MET B 129 -9.55 -3.48 -20.90
C MET B 129 -10.70 -4.42 -20.56
N ASP B 130 -11.70 -4.51 -21.43
CA ASP B 130 -12.80 -5.44 -21.17
C ASP B 130 -12.29 -6.87 -21.12
N TYR B 131 -11.39 -7.22 -22.04
CA TYR B 131 -10.81 -8.57 -22.03
C TYR B 131 -10.03 -8.82 -20.74
N LEU B 132 -9.21 -7.85 -20.31
CA LEU B 132 -8.42 -8.03 -19.10
C LEU B 132 -9.31 -8.27 -17.89
N HIS B 133 -10.36 -7.46 -17.76
CA HIS B 133 -11.25 -7.61 -16.61
C HIS B 133 -12.00 -8.93 -16.67
N ALA B 134 -12.30 -9.41 -17.87
CA ALA B 134 -12.94 -10.71 -18.01
C ALA B 134 -12.02 -11.82 -17.52
N LYS B 135 -10.72 -11.65 -17.68
CA LYS B 135 -9.73 -12.57 -17.14
C LYS B 135 -9.37 -12.23 -15.69
N SER B 136 -10.10 -11.29 -15.10
CA SER B 136 -9.89 -10.79 -13.72
C SER B 136 -8.46 -10.30 -13.51
N ILE B 137 -7.93 -9.58 -14.50
CA ILE B 137 -6.65 -8.90 -14.43
C ILE B 137 -6.89 -7.40 -14.28
N ILE B 138 -6.26 -6.79 -13.27
CA ILE B 138 -6.26 -5.34 -13.10
C ILE B 138 -4.98 -4.80 -13.72
N HIS B 139 -5.09 -3.77 -14.54
CA HIS B 139 -3.89 -3.20 -15.13
C HIS B 139 -3.07 -2.45 -14.09
N ARG B 140 -3.74 -1.61 -13.30
CA ARG B 140 -3.26 -0.77 -12.21
C ARG B 140 -2.45 0.45 -12.70
N ASP B 141 -2.15 0.58 -13.99
CA ASP B 141 -1.38 1.73 -14.46
C ASP B 141 -1.77 2.09 -15.89
N LEU B 142 -3.06 2.01 -16.22
CA LEU B 142 -3.49 2.41 -17.55
C LEU B 142 -3.34 3.91 -17.71
N LYS B 143 -2.72 4.32 -18.82
CA LYS B 143 -2.51 5.72 -19.14
C LYS B 143 -2.04 5.77 -20.58
N SER B 144 -2.05 6.97 -21.16
CA SER B 144 -1.72 7.07 -22.58
C SER B 144 -0.30 6.62 -22.87
N ASN B 145 0.59 6.63 -21.88
CA ASN B 145 1.93 6.08 -22.03
C ASN B 145 1.92 4.56 -22.16
N ASN B 146 0.88 3.89 -21.67
CA ASN B 146 0.81 2.44 -21.68
C ASN B 146 -0.14 1.93 -22.76
N ILE B 147 -0.43 2.78 -23.74
CA ILE B 147 -1.27 2.45 -24.89
C ILE B 147 -0.43 2.70 -26.12
N PHE B 148 -0.06 1.64 -26.82
CA PHE B 148 0.81 1.75 -27.99
C PHE B 148 -0.03 1.72 -29.27
N LEU B 149 0.27 2.64 -30.19
CA LEU B 149 -0.47 2.70 -31.45
C LEU B 149 0.34 1.91 -32.49
N HIS B 150 0.20 0.59 -32.43
CA HIS B 150 1.00 -0.30 -33.27
C HIS B 150 0.56 -0.18 -34.72
N GLU B 151 1.52 0.01 -35.62
CA GLU B 151 1.26 0.22 -37.05
C GLU B 151 0.23 1.32 -37.29
N ASP B 152 0.02 2.22 -36.33
CA ASP B 152 -1.01 3.27 -36.42
C ASP B 152 -2.40 2.71 -36.76
N ASN B 153 -2.67 1.45 -36.42
CA ASN B 153 -4.02 0.93 -36.59
C ASN B 153 -4.51 0.06 -35.44
N THR B 154 -3.63 -0.44 -34.56
CA THR B 154 -4.04 -1.36 -33.51
C THR B 154 -3.47 -0.90 -32.18
N VAL B 155 -4.37 -0.66 -31.23
CA VAL B 155 -3.99 -0.39 -29.85
C VAL B 155 -3.42 -1.65 -29.21
N LYS B 156 -2.26 -1.52 -28.57
CA LYS B 156 -1.70 -2.57 -27.71
C LYS B 156 -1.57 -2.00 -26.31
N ILE B 157 -2.20 -2.65 -25.34
CA ILE B 157 -2.13 -2.23 -23.95
C ILE B 157 -1.02 -3.02 -23.26
N GLY B 158 -0.14 -2.33 -22.56
CA GLY B 158 0.91 -3.04 -21.86
C GLY B 158 1.60 -2.14 -20.88
N ASP B 159 2.82 -2.54 -20.53
CA ASP B 159 3.74 -1.71 -19.75
C ASP B 159 4.79 -1.18 -20.71
N PHE B 160 4.75 0.12 -21.01
CA PHE B 160 5.73 0.70 -21.92
C PHE B 160 6.64 1.75 -21.29
N GLY B 161 6.52 2.02 -20.00
CA GLY B 161 7.56 2.72 -19.26
C GLY B 161 8.36 1.75 -18.41
N LEU B 162 7.67 1.05 -17.50
CA LEU B 162 8.01 -0.30 -16.97
C LEU B 162 9.38 -0.42 -16.27
N ALA B 163 9.81 0.61 -15.55
CA ALA B 163 10.91 0.43 -14.62
C ALA B 163 10.41 0.24 -13.18
N THR B 164 9.11 0.06 -13.00
CA THR B 164 8.47 0.07 -11.68
C THR B 164 8.30 -1.34 -11.10
N ARG B 168 6.11 -3.26 -9.07
CA ARG B 168 4.90 -3.55 -9.84
C ARG B 168 4.51 -5.03 -9.82
N TRP B 169 5.49 -5.94 -9.89
CA TRP B 169 5.23 -7.37 -10.00
C TRP B 169 5.68 -8.15 -8.77
N SER B 170 5.95 -7.45 -7.67
CA SER B 170 6.18 -8.12 -6.40
C SER B 170 4.83 -8.52 -5.83
N GLY B 171 4.67 -9.80 -5.48
CA GLY B 171 3.42 -10.25 -4.88
C GLY B 171 3.06 -9.47 -3.63
N SER B 172 4.07 -9.03 -2.88
CA SER B 172 3.98 -8.19 -1.67
C SER B 172 3.65 -9.01 -0.44
N GLN B 177 4.35 4.75 -3.37
CA GLN B 177 5.26 5.87 -3.14
C GLN B 177 4.89 7.13 -3.95
N LEU B 178 3.90 7.02 -4.84
CA LEU B 178 3.33 8.16 -5.56
C LEU B 178 4.41 8.96 -6.29
N SER B 179 5.24 8.25 -7.04
CA SER B 179 6.34 8.86 -7.79
C SER B 179 5.99 9.12 -9.26
N GLY B 180 4.76 8.80 -9.67
CA GLY B 180 4.31 9.05 -11.03
C GLY B 180 2.91 8.52 -11.22
N SER B 181 2.39 8.75 -12.43
CA SER B 181 1.04 8.31 -12.84
C SER B 181 -0.09 8.97 -12.05
N ILE B 182 0.18 10.06 -11.33
CA ILE B 182 -0.85 10.61 -10.45
C ILE B 182 -2.05 11.14 -11.22
N LEU B 183 -1.86 11.57 -12.46
CA LEU B 183 -2.98 12.15 -13.20
C LEU B 183 -4.05 11.13 -13.55
N TRP B 184 -3.75 9.83 -13.53
CA TRP B 184 -4.72 8.80 -13.84
C TRP B 184 -5.23 8.06 -12.61
N MET B 185 -4.81 8.46 -11.41
CA MET B 185 -5.18 7.74 -10.20
C MET B 185 -6.55 8.22 -9.68
N ALA B 186 -7.43 7.26 -9.41
CA ALA B 186 -8.75 7.56 -8.86
C ALA B 186 -8.63 8.20 -7.49
N PRO B 187 -9.62 9.00 -7.08
CA PRO B 187 -9.59 9.55 -5.72
C PRO B 187 -9.28 8.52 -4.65
N GLU B 188 -9.94 7.36 -4.70
CA GLU B 188 -9.74 6.36 -3.66
C GLU B 188 -8.37 5.70 -3.74
N VAL B 189 -7.69 5.77 -4.88
CA VAL B 189 -6.34 5.23 -4.93
C VAL B 189 -5.34 6.18 -4.27
N ILE B 190 -5.45 7.48 -4.56
CA ILE B 190 -4.62 8.48 -3.89
C ILE B 190 -4.84 8.46 -2.38
N ARG B 191 -6.10 8.33 -1.94
CA ARG B 191 -6.40 8.27 -0.52
C ARG B 191 -5.60 7.16 0.17
N MET B 192 -5.87 5.90 -0.20
CA MET B 192 -5.28 4.74 0.46
C MET B 192 -5.70 4.69 1.93
N ASN B 196 -8.77 -2.39 -0.41
CA ASN B 196 -8.59 -2.70 -1.82
C ASN B 196 -8.58 -1.42 -2.67
N PRO B 197 -7.41 -0.72 -2.75
CA PRO B 197 -7.37 0.54 -3.50
C PRO B 197 -7.37 0.31 -4.99
N TYR B 198 -6.57 -0.63 -5.49
CA TYR B 198 -6.62 -0.96 -6.90
C TYR B 198 -7.74 -1.97 -7.15
N SER B 199 -8.56 -1.69 -8.18
CA SER B 199 -9.75 -2.47 -8.46
C SER B 199 -10.10 -2.32 -9.94
N PHE B 200 -11.10 -3.07 -10.38
CA PHE B 200 -11.65 -2.83 -11.70
C PHE B 200 -12.10 -1.38 -11.83
N GLN B 201 -12.67 -0.83 -10.76
CA GLN B 201 -13.24 0.50 -10.85
C GLN B 201 -12.16 1.57 -10.93
N SER B 202 -11.01 1.38 -10.31
CA SER B 202 -9.94 2.37 -10.52
C SER B 202 -9.37 2.28 -11.93
N ASP B 203 -9.36 1.09 -12.55
CA ASP B 203 -9.01 0.98 -13.97
C ASP B 203 -10.00 1.75 -14.84
N VAL B 204 -11.29 1.73 -14.47
CA VAL B 204 -12.28 2.51 -15.20
C VAL B 204 -11.99 4.01 -15.06
N TYR B 205 -11.62 4.46 -13.86
CA TYR B 205 -11.25 5.86 -13.69
C TYR B 205 -10.10 6.24 -14.61
N ALA B 206 -9.01 5.46 -14.61
CA ALA B 206 -7.88 5.76 -15.48
C ALA B 206 -8.29 5.80 -16.94
N PHE B 207 -9.15 4.85 -17.35
CA PHE B 207 -9.70 4.89 -18.70
C PHE B 207 -10.46 6.18 -18.95
N GLY B 208 -11.18 6.66 -17.93
CA GLY B 208 -11.86 7.94 -18.08
C GLY B 208 -10.89 9.08 -18.34
N ILE B 209 -9.76 9.10 -17.63
CA ILE B 209 -8.75 10.13 -17.92
C ILE B 209 -8.19 9.95 -19.33
N VAL B 210 -8.00 8.71 -19.78
CA VAL B 210 -7.54 8.52 -21.16
C VAL B 210 -8.53 9.13 -22.13
N LEU B 211 -9.84 8.91 -21.90
CA LEU B 211 -10.85 9.55 -22.74
C LEU B 211 -10.69 11.07 -22.72
N TYR B 212 -10.51 11.64 -21.53
CA TYR B 212 -10.23 13.07 -21.42
C TYR B 212 -9.03 13.47 -22.28
N GLU B 213 -7.96 12.67 -22.29
CA GLU B 213 -6.83 13.00 -23.15
C GLU B 213 -7.23 12.98 -24.61
N LEU B 214 -8.03 11.97 -25.00
CA LEU B 214 -8.42 11.81 -26.39
C LEU B 214 -9.32 12.95 -26.83
N MET B 215 -10.20 13.41 -25.93
CA MET B 215 -11.25 14.36 -26.30
C MET B 215 -10.90 15.82 -26.06
N THR B 216 -9.86 16.10 -25.26
CA THR B 216 -9.38 17.45 -25.07
C THR B 216 -8.01 17.69 -25.71
N GLY B 217 -7.29 16.63 -26.02
CA GLY B 217 -5.92 16.81 -26.46
C GLY B 217 -4.95 17.18 -25.37
N GLN B 218 -5.37 17.19 -24.10
CA GLN B 218 -4.45 17.62 -23.06
C GLN B 218 -4.64 16.82 -21.79
N LEU B 219 -3.66 16.92 -20.92
CA LEU B 219 -3.65 16.35 -19.59
C LEU B 219 -4.48 17.21 -18.66
N PRO B 220 -5.11 16.62 -17.66
CA PRO B 220 -5.90 17.39 -16.70
C PRO B 220 -5.03 18.19 -15.73
N TYR B 221 -5.64 19.21 -15.13
CA TYR B 221 -5.01 20.01 -14.07
C TYR B 221 -3.78 20.76 -14.58
N SER B 222 -3.87 21.28 -15.82
CA SER B 222 -2.75 21.94 -16.49
C SER B 222 -2.31 23.21 -15.78
N ASN B 223 -3.10 23.74 -14.85
CA ASN B 223 -2.78 24.99 -14.17
C ASN B 223 -2.27 24.80 -12.75
N ILE B 224 -2.05 23.57 -12.32
CA ILE B 224 -1.67 23.28 -10.95
C ILE B 224 -0.28 22.66 -11.01
N ASN B 225 0.73 23.52 -10.85
CA ASN B 225 2.12 23.06 -10.89
C ASN B 225 2.44 22.11 -9.76
N ASN B 226 1.95 22.42 -8.55
CA ASN B 226 2.34 21.70 -7.35
C ASN B 226 1.67 20.33 -7.36
N ARG B 227 2.49 19.28 -7.47
CA ARG B 227 1.94 17.92 -7.54
C ARG B 227 1.29 17.51 -6.24
N ASP B 228 1.74 18.07 -5.11
CA ASP B 228 1.16 17.73 -3.82
C ASP B 228 -0.24 18.30 -3.65
N GLN B 229 -0.51 19.49 -4.22
CA GLN B 229 -1.86 20.03 -4.16
C GLN B 229 -2.82 19.25 -5.04
N ILE B 230 -2.36 18.77 -6.20
CA ILE B 230 -3.18 17.86 -7.01
C ILE B 230 -3.53 16.61 -6.22
N ILE B 231 -2.51 15.96 -5.64
CA ILE B 231 -2.73 14.73 -4.89
C ILE B 231 -3.72 14.97 -3.76
N GLU B 232 -3.49 16.01 -2.97
CA GLU B 232 -4.39 16.27 -1.84
C GLU B 232 -5.79 16.61 -2.32
N MET B 233 -5.92 17.44 -3.37
CA MET B 233 -7.25 17.84 -3.80
C MET B 233 -8.00 16.70 -4.48
N VAL B 234 -7.31 15.89 -5.28
CA VAL B 234 -8.02 14.83 -5.99
C VAL B 234 -8.51 13.78 -5.01
N GLY B 235 -7.70 13.43 -4.01
CA GLY B 235 -8.11 12.43 -3.04
C GLY B 235 -9.25 12.88 -2.14
N ARG B 236 -9.37 14.18 -1.90
CA ARG B 236 -10.45 14.69 -1.09
C ARG B 236 -11.65 15.13 -1.91
N GLY B 237 -11.75 14.69 -3.16
CA GLY B 237 -12.89 15.00 -4.00
C GLY B 237 -13.07 16.46 -4.34
N SER B 238 -12.08 17.30 -4.05
CA SER B 238 -12.22 18.73 -4.30
C SER B 238 -11.61 19.17 -5.62
N LEU B 239 -11.23 18.23 -6.49
CA LEU B 239 -10.66 18.57 -7.78
C LEU B 239 -10.93 17.42 -8.73
N SER B 240 -11.33 17.77 -9.95
CA SER B 240 -11.63 16.78 -10.97
C SER B 240 -11.42 17.43 -12.32
N PRO B 241 -11.27 16.64 -13.37
CA PRO B 241 -11.00 17.22 -14.70
C PRO B 241 -12.06 18.22 -15.14
N ASP B 242 -11.60 19.30 -15.76
CA ASP B 242 -12.45 20.32 -16.36
C ASP B 242 -13.00 19.79 -17.68
N LEU B 243 -14.24 19.31 -17.67
CA LEU B 243 -14.81 18.69 -18.86
C LEU B 243 -15.27 19.70 -19.90
N SER B 244 -15.23 21.00 -19.59
CA SER B 244 -15.55 21.99 -20.61
C SER B 244 -14.47 22.08 -21.68
N LYS B 245 -13.34 21.41 -21.48
CA LYS B 245 -12.24 21.43 -22.44
C LYS B 245 -12.37 20.37 -23.51
N VAL B 246 -13.38 19.50 -23.45
CA VAL B 246 -13.57 18.52 -24.53
C VAL B 246 -13.91 19.28 -25.81
N ARG B 247 -13.32 18.85 -26.92
CA ARG B 247 -13.48 19.58 -28.17
C ARG B 247 -14.93 19.53 -28.66
N SER B 248 -15.27 20.49 -29.52
CA SER B 248 -16.68 20.75 -29.83
C SER B 248 -17.35 19.61 -30.59
N ASN B 249 -16.60 18.80 -31.33
CA ASN B 249 -17.17 17.70 -32.10
C ASN B 249 -17.11 16.37 -31.39
N CYS B 250 -16.69 16.35 -30.13
CA CYS B 250 -16.75 15.15 -29.30
C CYS B 250 -18.20 14.76 -29.07
N PRO B 251 -18.61 13.52 -29.38
CA PRO B 251 -20.03 13.18 -29.34
C PRO B 251 -20.59 13.28 -27.93
N LYS B 252 -21.85 13.72 -27.85
CA LYS B 252 -22.51 13.89 -26.55
C LYS B 252 -22.44 12.62 -25.71
N ARG B 253 -22.72 11.47 -26.34
CA ARG B 253 -22.66 10.21 -25.60
C ARG B 253 -21.26 9.93 -25.09
N MET B 254 -20.23 10.37 -25.83
CA MET B 254 -18.86 10.16 -25.37
C MET B 254 -18.53 11.04 -24.19
N LYS B 255 -19.03 12.27 -24.17
CA LYS B 255 -18.84 13.10 -22.99
C LYS B 255 -19.58 12.52 -21.78
N ARG B 256 -20.83 12.09 -21.96
CA ARG B 256 -21.56 11.47 -20.85
C ARG B 256 -20.76 10.31 -20.28
N LEU B 257 -20.32 9.39 -21.15
CA LEU B 257 -19.58 8.22 -20.70
C LEU B 257 -18.35 8.61 -19.89
N MET B 258 -17.62 9.62 -20.36
CA MET B 258 -16.43 10.08 -19.66
C MET B 258 -16.75 10.50 -18.24
N ALA B 259 -17.78 11.35 -18.06
CA ALA B 259 -18.16 11.77 -16.72
C ALA B 259 -18.57 10.57 -15.88
N GLU B 260 -19.20 9.58 -16.49
CA GLU B 260 -19.52 8.35 -15.78
C GLU B 260 -18.26 7.67 -15.27
N CYS B 261 -17.24 7.53 -16.13
CA CYS B 261 -16.04 6.81 -15.72
C CYS B 261 -15.25 7.55 -14.66
N LEU B 262 -15.47 8.85 -14.50
CA LEU B 262 -14.69 9.70 -13.61
C LEU B 262 -15.38 9.95 -12.26
N LYS B 263 -16.46 9.25 -11.96
CA LYS B 263 -17.19 9.47 -10.72
C LYS B 263 -16.28 9.22 -9.52
N LYS B 264 -16.37 10.12 -8.53
CA LYS B 264 -15.48 10.02 -7.38
C LYS B 264 -15.82 8.81 -6.52
N LYS B 265 -17.09 8.45 -6.43
CA LYS B 265 -17.48 7.23 -5.73
C LYS B 265 -17.31 6.06 -6.69
N ARG B 266 -16.36 5.16 -6.36
CA ARG B 266 -15.99 4.11 -7.31
C ARG B 266 -17.19 3.27 -7.76
N ASP B 267 -18.19 3.11 -6.91
CA ASP B 267 -19.30 2.23 -7.26
C ASP B 267 -20.31 2.88 -8.20
N GLU B 268 -20.16 4.17 -8.48
CA GLU B 268 -20.99 4.87 -9.45
C GLU B 268 -20.42 4.77 -10.87
N ARG B 269 -19.23 4.18 -11.02
CA ARG B 269 -18.57 4.01 -12.30
C ARG B 269 -19.08 2.75 -12.99
N PRO B 270 -19.36 2.85 -14.28
CA PRO B 270 -19.78 1.66 -15.04
C PRO B 270 -18.67 0.64 -15.12
N SER B 271 -19.05 -0.59 -15.44
CA SER B 271 -18.09 -1.64 -15.70
C SER B 271 -17.76 -1.66 -17.18
N PHE B 272 -16.62 -2.30 -17.52
CA PHE B 272 -16.16 -2.24 -18.92
C PHE B 272 -17.09 -2.92 -19.94
N PRO B 273 -17.85 -3.97 -19.59
CA PRO B 273 -18.86 -4.43 -20.56
C PRO B 273 -19.78 -3.33 -21.03
N ARG B 274 -20.28 -2.51 -20.10
CA ARG B 274 -21.14 -1.38 -20.46
C ARG B 274 -20.36 -0.33 -21.22
N ILE B 275 -19.16 0.00 -20.75
CA ILE B 275 -18.31 0.97 -21.42
C ILE B 275 -18.05 0.54 -22.85
N LEU B 276 -17.70 -0.73 -23.06
CA LEU B 276 -17.43 -1.23 -24.40
C LEU B 276 -18.67 -1.13 -25.27
N ALA B 277 -19.82 -1.55 -24.75
CA ALA B 277 -21.05 -1.55 -25.54
C ALA B 277 -21.43 -0.13 -25.96
N GLU B 278 -21.28 0.84 -25.06
CA GLU B 278 -21.69 2.20 -25.39
C GLU B 278 -20.76 2.82 -26.42
N ILE B 279 -19.46 2.58 -26.31
CA ILE B 279 -18.54 3.11 -27.30
C ILE B 279 -18.79 2.49 -28.66
N GLU B 280 -18.94 1.15 -28.69
CA GLU B 280 -19.20 0.47 -29.96
C GLU B 280 -20.47 1.00 -30.61
N GLU B 281 -21.46 1.42 -29.82
CA GLU B 281 -22.71 1.86 -30.43
C GLU B 281 -22.67 3.33 -30.85
N LEU B 282 -22.13 4.21 -30.00
CA LEU B 282 -22.00 5.60 -30.41
C LEU B 282 -21.05 5.74 -31.59
N ALA B 283 -20.10 4.81 -31.73
CA ALA B 283 -19.21 4.83 -32.88
C ALA B 283 -19.96 4.51 -34.16
N ARG B 284 -20.88 3.53 -34.10
CA ARG B 284 -21.64 3.15 -35.28
C ARG B 284 -22.49 4.31 -35.78
N GLU B 285 -22.99 5.14 -34.86
CA GLU B 285 -23.72 6.35 -35.23
C GLU B 285 -22.84 7.40 -35.91
N LEU B 286 -21.53 7.19 -35.99
CA LEU B 286 -20.61 8.05 -36.72
C LEU B 286 -19.64 7.17 -37.52
N SER B 287 -20.21 6.37 -38.43
CA SER B 287 -19.52 5.25 -39.10
C SER B 287 -19.26 4.10 -38.12
N ASP C 13 6.62 -41.24 21.99
CA ASP C 13 5.68 -40.79 20.97
C ASP C 13 6.33 -39.83 19.98
N ASP C 14 7.04 -40.35 18.98
CA ASP C 14 7.56 -39.50 17.93
C ASP C 14 6.94 -39.88 16.59
N TRP C 15 6.29 -38.90 15.97
CA TRP C 15 5.68 -39.04 14.66
C TRP C 15 6.48 -38.32 13.58
N GLU C 16 7.73 -37.96 13.87
CA GLU C 16 8.57 -37.30 12.87
C GLU C 16 9.13 -38.35 11.94
N ILE C 17 8.98 -38.11 10.65
CA ILE C 17 9.45 -39.03 9.61
C ILE C 17 10.81 -38.54 9.15
N PRO C 18 11.88 -39.32 9.31
CA PRO C 18 13.20 -38.90 8.83
C PRO C 18 13.15 -38.51 7.36
N ASP C 19 14.06 -37.64 6.97
CA ASP C 19 14.10 -37.23 5.59
C ASP C 19 14.59 -38.36 4.71
N GLY C 20 14.10 -38.37 3.47
CA GLY C 20 14.47 -39.41 2.54
C GLY C 20 13.55 -40.60 2.54
N GLN C 21 12.65 -40.71 3.53
CA GLN C 21 11.77 -41.87 3.56
C GLN C 21 10.56 -41.70 2.65
N ILE C 22 10.04 -40.48 2.51
CA ILE C 22 8.83 -40.25 1.73
C ILE C 22 9.22 -40.00 0.28
N THR C 23 8.49 -40.63 -0.63
CA THR C 23 8.63 -40.39 -2.07
C THR C 23 7.48 -39.51 -2.52
N VAL C 24 7.75 -38.25 -2.82
CA VAL C 24 6.70 -37.33 -3.20
C VAL C 24 6.32 -37.58 -4.66
N GLY C 25 5.02 -37.74 -4.92
CA GLY C 25 4.55 -38.07 -6.25
C GLY C 25 3.79 -36.95 -6.92
N GLN C 26 2.62 -37.26 -7.47
CA GLN C 26 1.84 -36.28 -8.23
C GLN C 26 1.36 -35.15 -7.34
N ARG C 27 1.42 -33.94 -7.87
CA ARG C 27 0.85 -32.77 -7.20
C ARG C 27 -0.66 -32.77 -7.34
N ILE C 28 -1.36 -32.57 -6.23
CA ILE C 28 -2.82 -32.61 -6.20
C ILE C 28 -3.43 -31.22 -6.18
N GLY C 29 -3.00 -30.37 -5.26
CA GLY C 29 -3.46 -29.00 -5.25
C GLY C 29 -2.41 -28.09 -4.67
N SER C 30 -2.56 -26.79 -4.95
CA SER C 30 -1.66 -25.76 -4.47
C SER C 30 -2.46 -24.61 -3.87
N GLY C 31 -1.85 -23.94 -2.89
CA GLY C 31 -2.33 -22.65 -2.47
C GLY C 31 -1.20 -21.65 -2.62
N SER C 32 -1.29 -20.51 -1.94
CA SER C 32 -0.22 -19.52 -2.04
C SER C 32 1.06 -19.96 -1.31
N PHE C 33 0.92 -20.78 -0.26
CA PHE C 33 2.05 -21.14 0.60
C PHE C 33 2.37 -22.63 0.60
N GLY C 34 1.38 -23.49 0.35
CA GLY C 34 1.53 -24.91 0.52
C GLY C 34 1.06 -25.69 -0.70
N THR C 35 1.34 -26.98 -0.66
CA THR C 35 1.05 -27.89 -1.74
C THR C 35 0.76 -29.28 -1.17
N VAL C 36 -0.26 -29.95 -1.72
CA VAL C 36 -0.59 -31.31 -1.37
C VAL C 36 -0.17 -32.24 -2.51
N TYR C 37 0.62 -33.26 -2.18
CA TYR C 37 1.04 -34.29 -3.11
C TYR C 37 0.53 -35.65 -2.65
N LYS C 38 0.25 -36.52 -3.62
CA LYS C 38 0.20 -37.94 -3.36
C LYS C 38 1.63 -38.46 -3.21
N GLY C 39 1.84 -39.34 -2.23
CA GLY C 39 3.18 -39.78 -1.91
C GLY C 39 3.21 -41.25 -1.59
N LYS C 40 4.42 -41.74 -1.32
CA LYS C 40 4.64 -43.12 -0.97
C LYS C 40 5.43 -43.17 0.33
N TRP C 41 4.88 -43.87 1.32
CA TRP C 41 5.56 -44.10 2.60
C TRP C 41 4.86 -45.28 3.25
N HIS C 42 5.43 -46.48 3.11
CA HIS C 42 4.78 -47.72 3.56
C HIS C 42 3.38 -47.85 2.96
N GLY C 43 3.28 -47.62 1.66
CA GLY C 43 2.02 -47.51 0.99
C GLY C 43 1.73 -46.09 0.56
N ASP C 44 0.45 -45.82 0.31
CA ASP C 44 0.05 -44.52 -0.20
C ASP C 44 -0.14 -43.55 0.94
N VAL C 45 0.27 -42.30 0.73
CA VAL C 45 0.02 -41.23 1.68
C VAL C 45 -0.34 -39.98 0.89
N ALA C 46 -0.86 -39.00 1.64
CA ALA C 46 -0.97 -37.62 1.19
C ALA C 46 -0.01 -36.77 2.02
N VAL C 47 0.63 -35.81 1.37
CA VAL C 47 1.65 -34.97 1.97
C VAL C 47 1.28 -33.51 1.73
N LYS C 48 1.01 -32.77 2.81
CA LYS C 48 0.82 -31.33 2.72
C LYS C 48 2.14 -30.66 3.08
N MET C 49 2.71 -29.94 2.14
CA MET C 49 4.07 -29.42 2.28
C MET C 49 4.05 -27.90 2.23
N LEU C 50 4.65 -27.26 3.23
CA LEU C 50 4.90 -25.82 3.21
C LEU C 50 5.99 -25.51 2.19
N ASN C 51 5.63 -24.86 1.09
CA ASN C 51 6.57 -24.59 0.00
C ASN C 51 6.98 -23.13 -0.09
N VAL C 52 6.66 -22.30 0.91
CA VAL C 52 6.86 -20.86 0.80
C VAL C 52 8.28 -20.49 1.24
N THR C 53 8.88 -19.56 0.52
CA THR C 53 10.16 -19.01 0.93
C THR C 53 9.92 -18.05 2.10
N ALA C 54 10.74 -18.19 3.15
CA ALA C 54 10.70 -17.38 4.36
C ALA C 54 9.34 -17.50 5.04
N PRO C 55 8.97 -18.70 5.52
CA PRO C 55 7.64 -18.86 6.14
C PRO C 55 7.47 -17.95 7.34
N THR C 56 6.29 -17.33 7.45
CA THR C 56 6.05 -16.34 8.49
C THR C 56 5.92 -17.01 9.85
N PRO C 57 6.04 -16.22 10.92
CA PRO C 57 5.75 -16.78 12.25
C PRO C 57 4.39 -17.43 12.34
N GLN C 58 3.36 -16.84 11.72
CA GLN C 58 2.01 -17.42 11.78
C GLN C 58 1.92 -18.71 10.97
N GLN C 59 2.59 -18.79 9.82
CA GLN C 59 2.62 -20.05 9.05
C GLN C 59 3.34 -21.15 9.81
N LEU C 60 4.46 -20.83 10.46
CA LEU C 60 5.16 -21.84 11.25
C LEU C 60 4.31 -22.26 12.44
N GLN C 61 3.61 -21.33 13.08
CA GLN C 61 2.73 -21.67 14.19
C GLN C 61 1.60 -22.57 13.72
N ALA C 62 1.00 -22.25 12.58
CA ALA C 62 -0.11 -23.04 12.12
C ALA C 62 0.33 -24.45 11.76
N PHE C 63 1.53 -24.59 11.21
CA PHE C 63 2.04 -25.93 10.95
C PHE C 63 2.15 -26.73 12.25
N LYS C 64 2.77 -26.13 13.25
CA LYS C 64 2.94 -26.79 14.53
C LYS C 64 1.59 -27.07 15.19
N ASN C 65 0.66 -26.10 15.17
CA ASN C 65 -0.62 -26.32 15.84
C ASN C 65 -1.45 -27.36 15.12
N GLU C 66 -1.33 -27.45 13.79
CA GLU C 66 -2.10 -28.46 13.09
C GLU C 66 -1.58 -29.85 13.39
N VAL C 67 -0.26 -30.02 13.46
CA VAL C 67 0.29 -31.32 13.85
C VAL C 67 -0.16 -31.68 15.25
N GLY C 68 -0.24 -30.69 16.14
CA GLY C 68 -0.60 -30.98 17.53
C GLY C 68 -2.05 -31.36 17.69
N VAL C 69 -2.94 -30.77 16.89
CA VAL C 69 -4.34 -31.18 16.91
C VAL C 69 -4.52 -32.56 16.27
N LEU C 70 -3.97 -32.75 15.07
CA LEU C 70 -4.15 -34.03 14.38
C LEU C 70 -3.64 -35.20 15.21
N ARG C 71 -2.55 -35.00 15.94
CA ARG C 71 -1.93 -36.02 16.78
C ARG C 71 -2.81 -36.41 17.96
N LYS C 72 -3.85 -35.64 18.25
CA LYS C 72 -4.80 -35.94 19.30
C LYS C 72 -6.05 -36.64 18.78
N THR C 73 -6.08 -37.02 17.50
CA THR C 73 -7.26 -37.61 16.89
C THR C 73 -6.97 -39.03 16.44
N ARG C 74 -7.85 -39.94 16.80
CA ARG C 74 -7.82 -41.33 16.32
C ARG C 74 -9.27 -41.75 16.20
N HIS C 75 -9.84 -41.63 14.99
CA HIS C 75 -11.26 -41.94 14.82
C HIS C 75 -11.48 -42.25 13.35
N VAL C 76 -12.29 -43.27 13.09
CA VAL C 76 -12.45 -43.76 11.73
C VAL C 76 -13.02 -42.68 10.80
N ASN C 77 -13.72 -41.68 11.35
CA ASN C 77 -14.31 -40.63 10.55
C ASN C 77 -13.52 -39.33 10.59
N ILE C 78 -12.33 -39.35 11.16
CA ILE C 78 -11.40 -38.22 11.08
C ILE C 78 -10.23 -38.67 10.24
N LEU C 79 -9.84 -37.83 9.28
CA LEU C 79 -8.66 -38.03 8.45
C LEU C 79 -7.48 -38.48 9.29
N LEU C 80 -6.81 -39.56 8.86
CA LEU C 80 -5.83 -40.22 9.71
C LEU C 80 -4.49 -39.54 9.58
N PHE C 81 -4.04 -38.87 10.64
CA PHE C 81 -2.70 -38.32 10.68
C PHE C 81 -1.69 -39.45 10.84
N MET C 82 -0.61 -39.40 10.06
CA MET C 82 0.39 -40.45 10.10
C MET C 82 1.76 -39.97 10.52
N GLY C 83 2.13 -38.73 10.22
CA GLY C 83 3.43 -38.23 10.63
C GLY C 83 3.65 -36.81 10.14
N TYR C 84 4.83 -36.30 10.47
CA TYR C 84 5.23 -34.98 9.97
C TYR C 84 6.73 -35.00 9.70
N SER C 85 7.15 -34.06 8.87
CA SER C 85 8.55 -33.94 8.51
C SER C 85 9.01 -32.50 8.72
N THR C 86 10.31 -32.35 9.03
CA THR C 86 10.94 -31.05 9.16
C THR C 86 12.03 -30.80 8.12
N LYS C 87 12.64 -31.84 7.57
CA LYS C 87 13.62 -31.69 6.50
C LYS C 87 13.18 -32.48 5.27
N PRO C 88 13.29 -31.89 4.07
CA PRO C 88 13.91 -30.59 3.81
C PRO C 88 12.97 -29.44 4.09
N GLN C 89 11.66 -29.72 4.00
CA GLN C 89 10.64 -28.73 4.25
C GLN C 89 9.62 -29.30 5.22
N LEU C 90 8.85 -28.40 5.84
CA LEU C 90 7.81 -28.80 6.76
C LEU C 90 6.68 -29.47 6.00
N ALA C 91 6.28 -30.66 6.46
CA ALA C 91 5.21 -31.36 5.77
C ALA C 91 4.40 -32.15 6.78
N ILE C 92 3.13 -32.33 6.47
CA ILE C 92 2.23 -33.15 7.28
C ILE C 92 1.74 -34.29 6.39
N VAL C 93 1.88 -35.52 6.89
CA VAL C 93 1.58 -36.73 6.15
C VAL C 93 0.33 -37.38 6.75
N THR C 94 -0.63 -37.73 5.89
CA THR C 94 -1.86 -38.39 6.28
C THR C 94 -2.09 -39.60 5.38
N GLN C 95 -3.08 -40.40 5.75
CA GLN C 95 -3.54 -41.43 4.84
C GLN C 95 -3.93 -40.81 3.51
N TRP C 96 -3.91 -41.61 2.46
CA TRP C 96 -4.43 -41.21 1.16
C TRP C 96 -5.91 -41.60 1.09
N CYS C 97 -6.77 -40.61 0.88
CA CYS C 97 -8.19 -40.89 0.72
C CYS C 97 -8.50 -41.19 -0.73
N GLU C 98 -9.26 -42.26 -0.95
CA GLU C 98 -9.67 -42.69 -2.28
C GLU C 98 -11.11 -42.25 -2.54
N GLY C 99 -11.33 -41.58 -3.68
CA GLY C 99 -12.66 -41.15 -4.07
C GLY C 99 -12.72 -39.64 -4.24
N SER C 100 -13.83 -39.04 -3.85
CA SER C 100 -14.06 -37.61 -4.00
C SER C 100 -14.70 -37.08 -2.74
N SER C 101 -14.70 -35.75 -2.59
CA SER C 101 -15.37 -35.11 -1.48
C SER C 101 -16.87 -35.12 -1.70
N LEU C 102 -17.63 -34.97 -0.61
CA LEU C 102 -19.07 -34.87 -0.71
C LEU C 102 -19.49 -33.77 -1.66
N TYR C 103 -18.75 -32.65 -1.67
CA TYR C 103 -19.11 -31.54 -2.54
C TYR C 103 -19.06 -31.96 -3.99
N LYS C 104 -17.97 -32.60 -4.40
CA LYS C 104 -17.88 -33.02 -5.80
C LYS C 104 -18.99 -33.99 -6.16
N HIS C 105 -19.35 -34.89 -5.25
CA HIS C 105 -20.41 -35.87 -5.51
C HIS C 105 -21.77 -35.20 -5.67
N LEU C 106 -22.11 -34.27 -4.79
CA LEU C 106 -23.44 -33.66 -4.88
C LEU C 106 -23.52 -32.63 -5.99
N HIS C 107 -22.48 -31.81 -6.17
CA HIS C 107 -22.62 -30.58 -6.94
C HIS C 107 -21.84 -30.57 -8.24
N ALA C 108 -20.94 -31.51 -8.46
CA ALA C 108 -20.13 -31.50 -9.66
C ALA C 108 -19.91 -32.92 -10.12
N SER C 109 -21.00 -33.68 -10.24
CA SER C 109 -20.94 -35.08 -10.59
C SER C 109 -22.37 -35.60 -10.78
N GLU C 110 -22.49 -36.67 -11.54
CA GLU C 110 -23.77 -37.30 -11.83
C GLU C 110 -24.17 -38.32 -10.76
N THR C 111 -23.62 -38.21 -9.56
CA THR C 111 -23.90 -39.16 -8.49
C THR C 111 -25.34 -39.04 -8.04
N LYS C 112 -26.05 -40.15 -8.03
CA LYS C 112 -27.33 -40.26 -7.36
C LYS C 112 -27.11 -41.01 -6.06
N PHE C 113 -27.54 -40.41 -4.95
CA PHE C 113 -27.46 -41.01 -3.63
C PHE C 113 -28.84 -41.49 -3.19
N GLU C 114 -28.94 -42.77 -2.85
CA GLU C 114 -30.11 -43.26 -2.14
C GLU C 114 -30.25 -42.49 -0.82
N MET C 115 -31.49 -42.20 -0.43
CA MET C 115 -31.71 -41.50 0.83
C MET C 115 -31.12 -42.27 2.01
N LYS C 116 -31.08 -43.60 1.91
CA LYS C 116 -30.40 -44.39 2.92
C LYS C 116 -28.94 -43.98 3.03
N LYS C 117 -28.27 -43.86 1.89
CA LYS C 117 -26.88 -43.43 1.88
C LYS C 117 -26.74 -42.03 2.45
N LEU C 118 -27.67 -41.13 2.12
CA LEU C 118 -27.56 -39.75 2.58
C LEU C 118 -27.68 -39.67 4.11
N ILE C 119 -28.59 -40.44 4.69
CA ILE C 119 -28.66 -40.50 6.15
C ILE C 119 -27.38 -41.06 6.72
N ASP C 120 -26.82 -42.08 6.08
CA ASP C 120 -25.60 -42.69 6.60
C ASP C 120 -24.40 -41.77 6.45
N ILE C 121 -24.40 -40.93 5.41
CA ILE C 121 -23.36 -39.92 5.29
C ILE C 121 -23.47 -38.90 6.41
N ALA C 122 -24.69 -38.49 6.74
CA ALA C 122 -24.87 -37.54 7.82
C ALA C 122 -24.59 -38.17 9.17
N ARG C 123 -24.83 -39.47 9.29
CA ARG C 123 -24.57 -40.16 10.55
C ARG C 123 -23.08 -40.26 10.84
N GLN C 124 -22.28 -40.61 9.84
CA GLN C 124 -20.83 -40.69 10.06
C GLN C 124 -20.23 -39.30 10.31
N THR C 125 -20.67 -38.30 9.57
CA THR C 125 -20.20 -36.94 9.81
C THR C 125 -20.49 -36.53 11.26
N ALA C 126 -21.69 -36.83 11.75
CA ALA C 126 -22.02 -36.52 13.14
C ALA C 126 -21.11 -37.28 14.10
N ARG C 127 -20.75 -38.51 13.75
CA ARG C 127 -19.87 -39.28 14.63
C ARG C 127 -18.52 -38.59 14.78
N GLY C 128 -17.96 -38.09 13.68
CA GLY C 128 -16.65 -37.47 13.76
C GLY C 128 -16.69 -36.09 14.38
N MET C 129 -17.76 -35.33 14.12
CA MET C 129 -17.88 -34.02 14.78
C MET C 129 -18.14 -34.20 16.27
N ASP C 130 -18.94 -35.20 16.64
CA ASP C 130 -19.11 -35.50 18.05
C ASP C 130 -17.78 -35.86 18.69
N TYR C 131 -16.98 -36.68 18.01
CA TYR C 131 -15.64 -37.00 18.50
C TYR C 131 -14.79 -35.74 18.65
N LEU C 132 -14.73 -34.90 17.61
CA LEU C 132 -13.92 -33.69 17.67
C LEU C 132 -14.29 -32.81 18.87
N HIS C 133 -15.59 -32.58 19.04
CA HIS C 133 -16.03 -31.74 20.16
C HIS C 133 -15.72 -32.39 21.50
N ALA C 134 -15.86 -33.71 21.59
CA ALA C 134 -15.53 -34.38 22.84
C ALA C 134 -14.05 -34.21 23.18
N LYS C 135 -13.20 -34.01 22.17
CA LYS C 135 -11.79 -33.74 22.40
C LYS C 135 -11.48 -32.25 22.46
N SER C 136 -12.51 -31.39 22.56
CA SER C 136 -12.36 -29.94 22.68
C SER C 136 -11.79 -29.29 21.43
N ILE C 137 -12.09 -29.85 20.26
CA ILE C 137 -11.60 -29.33 18.99
C ILE C 137 -12.75 -28.68 18.23
N ILE C 138 -12.62 -27.39 17.94
CA ILE C 138 -13.55 -26.73 17.04
C ILE C 138 -13.00 -26.90 15.63
N HIS C 139 -13.82 -27.45 14.73
CA HIS C 139 -13.32 -27.65 13.38
C HIS C 139 -13.04 -26.33 12.69
N ARG C 140 -14.02 -25.42 12.70
N ARG C 140 -14.01 -25.41 12.72
CA ARG C 140 -13.99 -24.03 12.23
CA ARG C 140 -13.99 -24.02 12.24
C ARG C 140 -14.22 -23.90 10.72
C ARG C 140 -14.21 -23.89 10.73
N ASP C 141 -14.30 -24.98 9.97
CA ASP C 141 -14.52 -24.85 8.53
C ASP C 141 -15.16 -26.12 7.97
N LEU C 142 -16.14 -26.66 8.70
CA LEU C 142 -16.88 -27.82 8.22
C LEU C 142 -17.74 -27.42 7.02
N LYS C 143 -17.61 -28.18 5.94
CA LYS C 143 -18.38 -27.97 4.73
C LYS C 143 -18.29 -29.28 3.96
N SER C 144 -19.09 -29.39 2.89
CA SER C 144 -19.10 -30.63 2.12
C SER C 144 -17.81 -30.84 1.35
N ASN C 145 -17.05 -29.77 1.09
CA ASN C 145 -15.75 -29.92 0.46
C ASN C 145 -14.72 -30.52 1.40
N ASN C 146 -14.97 -30.48 2.70
CA ASN C 146 -14.08 -31.04 3.70
C ASN C 146 -14.56 -32.38 4.23
N ILE C 147 -15.57 -32.97 3.61
CA ILE C 147 -16.06 -34.30 3.95
C ILE C 147 -15.70 -35.21 2.79
N PHE C 148 -14.76 -36.12 3.02
CA PHE C 148 -14.30 -37.02 1.98
C PHE C 148 -15.01 -38.36 2.08
N LEU C 149 -15.56 -38.82 0.96
CA LEU C 149 -16.26 -40.12 0.92
C LEU C 149 -15.26 -41.19 0.52
N HIS C 150 -14.50 -41.65 1.51
CA HIS C 150 -13.41 -42.59 1.28
C HIS C 150 -13.96 -43.96 0.89
N GLU C 151 -13.46 -44.49 -0.24
CA GLU C 151 -13.92 -45.76 -0.82
C GLU C 151 -15.44 -45.82 -0.97
N ASP C 152 -16.10 -44.66 -1.02
CA ASP C 152 -17.57 -44.58 -1.14
C ASP C 152 -18.28 -45.35 -0.03
N ASN C 153 -17.76 -45.29 1.20
CA ASN C 153 -18.52 -45.85 2.32
C ASN C 153 -18.10 -45.30 3.68
N THR C 154 -17.01 -44.52 3.74
CA THR C 154 -16.50 -44.03 5.01
C THR C 154 -16.22 -42.54 4.93
N VAL C 155 -16.96 -41.77 5.72
CA VAL C 155 -16.72 -40.34 5.79
C VAL C 155 -15.38 -40.08 6.47
N LYS C 156 -14.52 -39.28 5.83
CA LYS C 156 -13.31 -38.75 6.45
C LYS C 156 -13.43 -37.24 6.57
N ILE C 157 -13.58 -36.72 7.79
CA ILE C 157 -13.60 -35.28 7.98
C ILE C 157 -12.16 -34.78 7.99
N GLY C 158 -11.91 -33.69 7.27
CA GLY C 158 -10.61 -33.07 7.32
C GLY C 158 -10.72 -31.59 7.07
N ASP C 159 -9.62 -30.97 6.68
CA ASP C 159 -9.63 -29.58 6.24
C ASP C 159 -8.66 -29.55 5.08
N PHE C 160 -9.20 -29.61 3.86
CA PHE C 160 -8.41 -29.72 2.65
C PHE C 160 -8.16 -28.38 1.99
N GLY C 161 -8.50 -27.29 2.65
CA GLY C 161 -8.22 -25.99 2.09
C GLY C 161 -6.75 -25.63 2.24
N LEU C 162 -6.25 -24.88 1.26
CA LEU C 162 -4.89 -24.35 1.26
C LEU C 162 -5.02 -22.83 1.10
N ALA C 163 -4.48 -22.09 2.08
CA ALA C 163 -4.69 -20.65 2.11
C ALA C 163 -4.18 -20.00 0.84
N THR C 164 -4.95 -19.04 0.32
CA THR C 164 -4.56 -18.26 -0.85
C THR C 164 -4.72 -16.78 -0.57
N VAL C 165 -3.78 -16.00 -1.11
CA VAL C 165 -3.75 -14.55 -0.98
C VAL C 165 -4.00 -13.97 -2.37
N LYS C 166 -5.07 -13.19 -2.49
CA LYS C 166 -5.38 -12.53 -3.76
C LYS C 166 -4.20 -11.68 -4.20
N SER C 167 -3.81 -11.80 -5.46
CA SER C 167 -2.67 -11.05 -5.98
C SER C 167 -3.02 -9.58 -6.11
N ARG C 168 -1.97 -8.76 -6.25
CA ARG C 168 -2.18 -7.32 -6.46
C ARG C 168 -2.83 -7.03 -7.82
N TRP C 169 -2.54 -7.86 -8.83
CA TRP C 169 -2.99 -7.62 -10.19
C TRP C 169 -4.27 -8.37 -10.53
N SER C 170 -4.94 -8.97 -9.55
CA SER C 170 -6.20 -9.66 -9.79
C SER C 170 -7.32 -9.06 -8.96
N GLY C 171 -8.45 -8.78 -9.60
CA GLY C 171 -9.61 -8.24 -8.91
C GLY C 171 -10.75 -9.25 -8.82
N GLY C 180 -16.28 -19.08 -1.34
CA GLY C 180 -15.40 -19.71 -0.37
C GLY C 180 -16.12 -20.59 0.64
N SER C 181 -16.01 -20.27 1.93
CA SER C 181 -16.71 -20.99 2.99
C SER C 181 -18.00 -20.31 3.44
N ILE C 182 -18.39 -19.18 2.84
CA ILE C 182 -19.41 -18.34 3.47
C ILE C 182 -20.76 -19.05 3.56
N LEU C 183 -21.09 -19.95 2.64
CA LEU C 183 -22.41 -20.57 2.65
C LEU C 183 -22.66 -21.40 3.91
N TRP C 184 -21.60 -21.88 4.55
CA TRP C 184 -21.71 -22.66 5.78
C TRP C 184 -21.44 -21.84 7.03
N MET C 185 -21.23 -20.52 6.89
CA MET C 185 -20.87 -19.68 8.03
C MET C 185 -22.11 -19.24 8.80
N ALA C 186 -22.09 -19.51 10.11
CA ALA C 186 -23.21 -19.14 10.98
C ALA C 186 -23.42 -17.63 10.99
N PRO C 187 -24.66 -17.18 11.19
CA PRO C 187 -24.91 -15.73 11.21
C PRO C 187 -23.98 -14.94 12.13
N GLU C 188 -23.70 -15.45 13.34
CA GLU C 188 -22.78 -14.74 14.23
C GLU C 188 -21.36 -14.72 13.69
N VAL C 189 -20.98 -15.71 12.88
CA VAL C 189 -19.65 -15.66 12.28
C VAL C 189 -19.61 -14.56 11.23
N ILE C 190 -20.72 -14.33 10.53
CA ILE C 190 -20.76 -13.27 9.53
C ILE C 190 -20.75 -11.90 10.20
N ARG C 191 -21.42 -11.76 11.35
CA ARG C 191 -21.55 -10.45 11.97
C ARG C 191 -20.27 -10.00 12.66
N MET C 192 -19.57 -10.92 13.33
CA MET C 192 -18.38 -10.58 14.11
C MET C 192 -18.69 -9.49 15.14
N GLN C 193 -19.83 -9.65 15.84
CA GLN C 193 -20.25 -8.71 16.88
C GLN C 193 -20.43 -9.35 18.25
N ASP C 194 -20.51 -10.67 18.33
CA ASP C 194 -20.71 -11.40 19.57
C ASP C 194 -19.42 -12.08 19.99
N SER C 195 -19.30 -12.33 21.29
CA SER C 195 -18.12 -12.99 21.83
C SER C 195 -17.95 -14.37 21.22
N ASN C 196 -16.72 -14.69 20.80
CA ASN C 196 -16.34 -16.01 20.29
C ASN C 196 -17.23 -16.45 19.14
N PRO C 197 -17.09 -15.84 17.97
CA PRO C 197 -17.95 -16.22 16.84
C PRO C 197 -17.77 -17.67 16.44
N TYR C 198 -16.56 -18.21 16.56
CA TYR C 198 -16.30 -19.60 16.21
C TYR C 198 -16.39 -20.45 17.48
N SER C 199 -17.23 -21.47 17.44
CA SER C 199 -17.54 -22.23 18.64
C SER C 199 -18.12 -23.56 18.22
N PHE C 200 -18.41 -24.40 19.21
CA PHE C 200 -19.13 -25.64 18.94
C PHE C 200 -20.43 -25.34 18.20
N GLN C 201 -21.11 -24.27 18.60
CA GLN C 201 -22.38 -23.93 17.98
C GLN C 201 -22.22 -23.48 16.54
N SER C 202 -21.10 -22.85 16.19
CA SER C 202 -20.96 -22.47 14.79
C SER C 202 -20.66 -23.70 13.95
N ASP C 203 -20.00 -24.70 14.54
CA ASP C 203 -19.81 -25.98 13.86
C ASP C 203 -21.15 -26.69 13.66
N VAL C 204 -22.05 -26.61 14.64
CA VAL C 204 -23.36 -27.22 14.47
C VAL C 204 -24.11 -26.58 13.31
N TYR C 205 -24.07 -25.25 13.20
CA TYR C 205 -24.72 -24.57 12.08
C TYR C 205 -24.20 -25.09 10.75
N ALA C 206 -22.87 -25.09 10.59
CA ALA C 206 -22.26 -25.59 9.35
C ALA C 206 -22.71 -27.00 9.04
N PHE C 207 -22.78 -27.86 10.06
CA PHE C 207 -23.34 -29.18 9.88
C PHE C 207 -24.77 -29.10 9.36
N GLY C 208 -25.54 -28.12 9.85
CA GLY C 208 -26.88 -27.94 9.32
C GLY C 208 -26.91 -27.64 7.84
N ILE C 209 -25.91 -26.88 7.35
CA ILE C 209 -25.87 -26.60 5.91
C ILE C 209 -25.45 -27.86 5.15
N VAL C 210 -24.56 -28.66 5.73
CA VAL C 210 -24.23 -29.94 5.13
C VAL C 210 -25.46 -30.84 5.07
N LEU C 211 -26.29 -30.83 6.12
CA LEU C 211 -27.55 -31.59 6.07
C LEU C 211 -28.46 -31.05 4.99
N TYR C 212 -28.51 -29.73 4.82
CA TYR C 212 -29.32 -29.17 3.76
C TYR C 212 -28.80 -29.60 2.40
N GLU C 213 -27.49 -29.54 2.18
CA GLU C 213 -26.92 -30.08 0.95
C GLU C 213 -27.37 -31.51 0.72
N LEU C 214 -27.29 -32.34 1.76
CA LEU C 214 -27.61 -33.75 1.61
C LEU C 214 -29.07 -33.96 1.25
N MET C 215 -29.98 -33.34 2.00
CA MET C 215 -31.41 -33.61 1.84
C MET C 215 -32.04 -32.85 0.68
N THR C 216 -31.35 -31.86 0.10
CA THR C 216 -31.88 -31.19 -1.09
C THR C 216 -31.04 -31.38 -2.35
N GLY C 217 -29.79 -31.81 -2.24
CA GLY C 217 -28.97 -31.97 -3.42
C GLY C 217 -28.39 -30.69 -3.99
N GLN C 218 -28.73 -29.53 -3.43
CA GLN C 218 -28.25 -28.25 -3.95
C GLN C 218 -27.64 -27.43 -2.81
N LEU C 219 -26.88 -26.41 -3.18
CA LEU C 219 -26.37 -25.47 -2.21
C LEU C 219 -27.49 -24.51 -1.80
N PRO C 220 -27.42 -23.95 -0.59
CA PRO C 220 -28.46 -23.03 -0.16
C PRO C 220 -28.38 -21.73 -0.93
N TYR C 221 -29.50 -21.00 -0.94
CA TYR C 221 -29.62 -19.70 -1.60
C TYR C 221 -29.35 -19.80 -3.09
N SER C 222 -29.61 -20.99 -3.65
CA SER C 222 -29.29 -21.25 -5.05
C SER C 222 -30.01 -20.28 -5.99
N ASN C 223 -31.24 -19.88 -5.66
CA ASN C 223 -32.00 -18.98 -6.52
C ASN C 223 -32.05 -17.58 -5.96
N ILE C 224 -30.98 -17.13 -5.30
CA ILE C 224 -30.97 -15.80 -4.70
C ILE C 224 -29.60 -15.16 -4.95
N ASN C 225 -28.75 -15.82 -5.74
CA ASN C 225 -27.35 -15.39 -5.88
C ASN C 225 -27.20 -13.92 -6.27
N ASN C 226 -27.15 -13.05 -5.26
CA ASN C 226 -26.81 -11.63 -5.38
C ASN C 226 -25.52 -11.28 -4.63
N ARG C 227 -24.92 -12.26 -3.95
CA ARG C 227 -23.54 -12.29 -3.42
C ARG C 227 -23.37 -11.59 -2.07
N ASP C 228 -22.76 -10.40 -2.06
CA ASP C 228 -22.64 -9.63 -0.82
C ASP C 228 -24.01 -9.29 -0.25
N GLN C 229 -25.06 -9.32 -1.07
CA GLN C 229 -26.42 -9.25 -0.56
C GLN C 229 -26.77 -10.50 0.28
N ILE C 230 -26.41 -11.68 -0.23
CA ILE C 230 -26.67 -12.91 0.50
C ILE C 230 -25.98 -12.89 1.86
N ILE C 231 -24.70 -12.51 1.88
CA ILE C 231 -23.96 -12.44 3.13
C ILE C 231 -24.65 -11.52 4.12
N GLU C 232 -24.99 -10.30 3.69
CA GLU C 232 -25.58 -9.33 4.61
C GLU C 232 -26.90 -9.81 5.18
N MET C 233 -27.75 -10.40 4.33
CA MET C 233 -29.06 -10.83 4.77
C MET C 233 -28.99 -12.06 5.67
N VAL C 234 -27.99 -12.92 5.50
CA VAL C 234 -27.85 -14.06 6.38
C VAL C 234 -27.36 -13.62 7.75
N GLY C 235 -26.42 -12.68 7.77
CA GLY C 235 -25.96 -12.12 9.03
C GLY C 235 -27.07 -11.51 9.86
N ARG C 236 -27.93 -10.69 9.22
CA ARG C 236 -29.03 -10.04 9.92
C ARG C 236 -30.28 -10.90 10.05
N GLY C 237 -30.25 -12.15 9.59
CA GLY C 237 -31.38 -13.04 9.76
C GLY C 237 -32.52 -12.85 8.78
N SER C 238 -32.39 -11.99 7.76
CA SER C 238 -33.46 -11.77 6.80
C SER C 238 -33.37 -12.69 5.59
N LEU C 239 -32.46 -13.66 5.61
CA LEU C 239 -32.40 -14.70 4.60
C LEU C 239 -31.84 -15.95 5.26
N SER C 240 -32.56 -17.06 5.14
CA SER C 240 -32.17 -18.36 5.67
C SER C 240 -32.43 -19.41 4.61
N PRO C 241 -31.90 -20.63 4.77
CA PRO C 241 -32.08 -21.66 3.74
C PRO C 241 -33.54 -22.03 3.57
N ASP C 242 -33.93 -22.24 2.30
CA ASP C 242 -35.29 -22.56 1.93
C ASP C 242 -35.53 -24.05 2.19
N LEU C 243 -36.11 -24.37 3.35
CA LEU C 243 -36.26 -25.77 3.74
C LEU C 243 -37.29 -26.52 2.91
N SER C 244 -38.14 -25.80 2.18
CA SER C 244 -39.13 -26.45 1.32
C SER C 244 -38.50 -27.24 0.17
N LYS C 245 -37.20 -27.11 -0.06
CA LYS C 245 -36.53 -27.79 -1.16
C LYS C 245 -36.02 -29.17 -0.80
N VAL C 246 -36.28 -29.66 0.43
CA VAL C 246 -35.83 -31.00 0.81
C VAL C 246 -36.58 -32.03 -0.03
N ARG C 247 -35.93 -33.16 -0.26
CA ARG C 247 -36.54 -34.23 -1.06
C ARG C 247 -37.76 -34.80 -0.33
N SER C 248 -38.73 -35.28 -1.13
CA SER C 248 -39.97 -35.81 -0.57
C SER C 248 -39.71 -36.94 0.43
N ASN C 249 -38.77 -37.84 0.11
CA ASN C 249 -38.56 -39.01 0.97
C ASN C 249 -37.59 -38.71 2.10
N CYS C 250 -37.50 -37.43 2.49
CA CYS C 250 -36.64 -37.02 3.60
C CYS C 250 -37.41 -37.17 4.91
N PRO C 251 -36.90 -37.92 5.90
CA PRO C 251 -37.69 -38.15 7.12
C PRO C 251 -37.98 -36.83 7.84
N LYS C 252 -39.14 -36.78 8.51
CA LYS C 252 -39.53 -35.56 9.21
C LYS C 252 -38.58 -35.24 10.35
N ARG C 253 -38.10 -36.28 11.04
CA ARG C 253 -37.16 -36.05 12.14
C ARG C 253 -35.82 -35.53 11.63
N MET C 254 -35.48 -35.83 10.38
CA MET C 254 -34.25 -35.28 9.82
C MET C 254 -34.43 -33.81 9.46
N LYS C 255 -35.60 -33.47 8.92
CA LYS C 255 -35.86 -32.09 8.53
C LYS C 255 -36.03 -31.19 9.76
N ARG C 256 -36.65 -31.69 10.82
CA ARG C 256 -36.70 -30.88 12.03
C ARG C 256 -35.34 -30.78 12.70
N LEU C 257 -34.51 -31.83 12.58
CA LEU C 257 -33.15 -31.75 13.11
C LEU C 257 -32.32 -30.72 12.35
N MET C 258 -32.40 -30.74 11.01
CA MET C 258 -31.71 -29.76 10.20
C MET C 258 -32.15 -28.33 10.55
N ALA C 259 -33.45 -28.14 10.77
CA ALA C 259 -33.95 -26.83 11.17
C ALA C 259 -33.44 -26.42 12.54
N GLU C 260 -33.23 -27.37 13.46
CA GLU C 260 -32.67 -27.02 14.77
C GLU C 260 -31.19 -26.65 14.67
N CYS C 261 -30.42 -27.39 13.87
CA CYS C 261 -29.02 -27.03 13.72
C CYS C 261 -28.87 -25.66 13.08
N LEU C 262 -29.83 -25.25 12.25
CA LEU C 262 -29.74 -24.01 11.50
C LEU C 262 -30.27 -22.80 12.28
N LYS C 263 -30.61 -22.97 13.55
CA LYS C 263 -31.22 -21.89 14.31
C LYS C 263 -30.33 -20.65 14.33
N LYS C 264 -30.93 -19.49 14.10
CA LYS C 264 -30.17 -18.24 14.11
C LYS C 264 -29.57 -17.99 15.49
N LYS C 265 -30.36 -18.14 16.54
CA LYS C 265 -29.84 -17.98 17.89
C LYS C 265 -28.96 -19.17 18.24
N ARG C 266 -27.67 -18.90 18.48
CA ARG C 266 -26.71 -20.00 18.61
C ARG C 266 -27.06 -20.93 19.78
N ASP C 267 -27.60 -20.39 20.87
CA ASP C 267 -27.90 -21.22 22.04
C ASP C 267 -29.07 -22.16 21.81
N GLU C 268 -29.86 -21.93 20.77
CA GLU C 268 -30.94 -22.87 20.48
C GLU C 268 -30.47 -24.05 19.65
N ARG C 269 -29.21 -24.05 19.21
CA ARG C 269 -28.71 -25.17 18.44
C ARG C 269 -28.42 -26.35 19.36
N PRO C 270 -28.72 -27.56 18.94
CA PRO C 270 -28.39 -28.73 19.75
C PRO C 270 -26.90 -29.06 19.64
N SER C 271 -26.42 -29.84 20.62
CA SER C 271 -25.04 -30.27 20.64
C SER C 271 -24.89 -31.60 19.89
N PHE C 272 -23.66 -31.97 19.59
CA PHE C 272 -23.54 -33.15 18.75
C PHE C 272 -23.91 -34.46 19.44
N PRO C 273 -23.69 -34.63 20.75
CA PRO C 273 -24.24 -35.83 21.41
C PRO C 273 -25.71 -36.05 21.16
N ARG C 274 -26.49 -34.97 21.14
CA ARG C 274 -27.90 -35.07 20.85
C ARG C 274 -28.14 -35.24 19.35
N ILE C 275 -27.32 -34.55 18.53
CA ILE C 275 -27.43 -34.67 17.08
C ILE C 275 -27.16 -36.10 16.64
N LEU C 276 -26.07 -36.68 17.14
CA LEU C 276 -25.71 -38.03 16.76
C LEU C 276 -26.76 -39.03 17.23
N ALA C 277 -27.29 -38.86 18.44
CA ALA C 277 -28.29 -39.80 18.92
C ALA C 277 -29.59 -39.70 18.14
N GLU C 278 -29.96 -38.50 17.70
CA GLU C 278 -31.19 -38.37 16.93
C GLU C 278 -31.05 -39.03 15.56
N ILE C 279 -29.93 -38.77 14.87
CA ILE C 279 -29.68 -39.41 13.57
C ILE C 279 -29.56 -40.92 13.75
N GLU C 280 -28.77 -41.33 14.74
CA GLU C 280 -28.62 -42.75 15.02
C GLU C 280 -29.98 -43.41 15.16
N GLU C 281 -30.83 -42.87 16.03
CA GLU C 281 -32.12 -43.48 16.29
C GLU C 281 -33.01 -43.45 15.05
N LEU C 282 -32.93 -42.39 14.25
CA LEU C 282 -33.81 -42.32 13.09
C LEU C 282 -33.32 -43.20 11.94
N ALA C 283 -32.01 -43.48 11.86
CA ALA C 283 -31.49 -44.35 10.81
C ALA C 283 -31.82 -45.83 11.05
N ARG C 284 -32.08 -46.22 12.30
CA ARG C 284 -32.58 -47.57 12.56
C ARG C 284 -34.00 -47.74 12.02
N GLU C 285 -34.83 -46.70 12.15
CA GLU C 285 -36.24 -46.81 11.80
C GLU C 285 -36.45 -47.12 10.33
N LEU C 286 -35.55 -46.65 9.46
CA LEU C 286 -35.62 -46.97 8.04
C LEU C 286 -34.60 -48.02 7.63
N SER C 287 -34.36 -49.01 8.50
CA SER C 287 -33.32 -50.04 8.26
C SER C 287 -31.95 -49.40 8.10
N ASP D 14 11.61 34.81 -28.03
CA ASP D 14 11.98 33.48 -27.56
C ASP D 14 13.00 33.49 -26.41
N TRP D 15 12.82 32.59 -25.45
CA TRP D 15 13.59 32.57 -24.21
C TRP D 15 14.36 31.28 -24.02
N GLU D 16 14.39 30.40 -25.01
CA GLU D 16 15.17 29.19 -24.87
C GLU D 16 16.65 29.53 -24.91
N ILE D 17 17.41 28.93 -24.01
CA ILE D 17 18.86 29.15 -23.95
C ILE D 17 19.54 27.93 -24.55
N PRO D 18 20.24 28.06 -25.69
CA PRO D 18 21.00 26.94 -26.24
C PRO D 18 21.88 26.23 -25.23
N ASP D 19 22.19 24.98 -25.55
CA ASP D 19 22.97 24.14 -24.64
C ASP D 19 24.42 24.59 -24.60
N GLY D 20 25.06 24.33 -23.46
CA GLY D 20 26.46 24.66 -23.28
C GLY D 20 26.76 26.11 -22.99
N GLN D 21 25.73 26.96 -22.95
CA GLN D 21 25.91 28.37 -22.61
C GLN D 21 25.92 28.62 -21.11
N ILE D 22 25.26 27.77 -20.33
CA ILE D 22 25.14 27.94 -18.89
C ILE D 22 26.17 27.07 -18.19
N THR D 23 26.99 27.68 -17.35
CA THR D 23 27.93 26.92 -16.53
C THR D 23 27.25 26.67 -15.20
N VAL D 24 26.73 25.46 -15.02
CA VAL D 24 26.10 25.08 -13.76
C VAL D 24 27.17 24.97 -12.68
N GLY D 25 26.94 25.61 -11.53
CA GLY D 25 27.89 25.58 -10.44
C GLY D 25 27.43 24.85 -9.19
N GLN D 26 27.38 25.56 -8.07
CA GLN D 26 27.11 24.93 -6.78
C GLN D 26 25.65 24.50 -6.65
N ARG D 27 25.44 23.23 -6.29
CA ARG D 27 24.11 22.76 -5.93
C ARG D 27 23.62 23.54 -4.71
N ILE D 28 22.36 23.97 -4.72
CA ILE D 28 21.85 24.85 -3.68
C ILE D 28 20.71 24.17 -2.94
N GLY D 29 19.99 23.29 -3.62
CA GLY D 29 18.85 22.63 -3.02
C GLY D 29 18.38 21.49 -3.89
N SER D 30 17.71 20.54 -3.25
CA SER D 30 17.37 19.29 -3.92
C SER D 30 16.06 18.74 -3.39
N GLY D 31 15.25 18.18 -4.30
CA GLY D 31 14.11 17.34 -3.97
C GLY D 31 14.15 16.06 -4.80
N SER D 32 13.05 15.30 -4.82
CA SER D 32 13.04 14.03 -5.53
C SER D 32 13.03 14.19 -7.04
N PHE D 33 12.60 15.34 -7.55
CA PHE D 33 12.45 15.53 -8.98
C PHE D 33 13.38 16.57 -9.57
N GLY D 34 13.88 17.52 -8.76
CA GLY D 34 14.58 18.67 -9.28
C GLY D 34 15.70 19.10 -8.38
N THR D 35 16.50 20.02 -8.90
CA THR D 35 17.69 20.52 -8.21
C THR D 35 17.88 21.97 -8.61
N VAL D 36 18.19 22.82 -7.63
CA VAL D 36 18.51 24.21 -7.88
C VAL D 36 20.02 24.40 -7.79
N TYR D 37 20.60 25.05 -8.79
CA TYR D 37 22.01 25.34 -8.80
C TYR D 37 22.23 26.83 -8.98
N LYS D 38 23.35 27.32 -8.45
CA LYS D 38 23.89 28.60 -8.87
C LYS D 38 24.67 28.40 -10.17
N GLY D 39 24.56 29.36 -11.09
CA GLY D 39 25.17 29.18 -12.40
C GLY D 39 25.73 30.48 -12.94
N LYS D 40 26.42 30.37 -14.07
CA LYS D 40 26.94 31.54 -14.75
C LYS D 40 26.35 31.60 -16.16
N TRP D 41 25.72 32.74 -16.48
CA TRP D 41 25.17 32.97 -17.81
C TRP D 41 25.03 34.49 -17.94
N HIS D 42 26.07 35.13 -18.48
CA HIS D 42 26.18 36.59 -18.52
C HIS D 42 26.07 37.19 -17.12
N GLY D 43 26.85 36.68 -16.21
CA GLY D 43 26.65 37.03 -14.82
C GLY D 43 26.01 35.87 -14.08
N ASP D 44 25.54 36.15 -12.87
CA ASP D 44 25.02 35.12 -12.01
C ASP D 44 23.57 34.79 -12.37
N VAL D 45 23.25 33.50 -12.37
CA VAL D 45 21.87 33.05 -12.51
C VAL D 45 21.60 31.91 -11.53
N ALA D 46 20.34 31.64 -11.29
CA ALA D 46 19.93 30.41 -10.63
C ALA D 46 19.22 29.54 -11.65
N VAL D 47 19.38 28.22 -11.50
CA VAL D 47 18.95 27.23 -12.49
C VAL D 47 18.20 26.14 -11.73
N LYS D 48 16.92 25.95 -12.06
CA LYS D 48 16.15 24.84 -11.52
C LYS D 48 16.07 23.76 -12.60
N MET D 49 16.64 22.59 -12.31
CA MET D 49 16.85 21.59 -13.34
C MET D 49 16.21 20.28 -12.92
N LEU D 50 15.44 19.67 -13.83
CA LEU D 50 14.83 18.37 -13.54
C LEU D 50 15.90 17.30 -13.43
N ASN D 51 15.70 16.37 -12.48
CA ASN D 51 16.71 15.34 -12.22
C ASN D 51 16.83 14.35 -13.35
N VAL D 52 15.73 14.06 -14.04
CA VAL D 52 15.69 12.99 -15.04
C VAL D 52 15.60 13.64 -16.42
N THR D 53 16.08 12.90 -17.42
CA THR D 53 15.98 13.37 -18.80
C THR D 53 14.64 13.02 -19.45
N ALA D 54 13.91 12.05 -18.90
CA ALA D 54 12.56 11.69 -19.37
C ALA D 54 11.55 11.90 -18.24
N PRO D 55 11.02 13.11 -18.08
CA PRO D 55 10.16 13.41 -16.92
C PRO D 55 8.78 12.77 -17.03
N THR D 56 8.07 12.73 -15.90
CA THR D 56 6.71 12.21 -15.91
C THR D 56 5.80 13.17 -16.66
N PRO D 57 4.60 12.73 -17.08
CA PRO D 57 3.70 13.67 -17.78
C PRO D 57 3.30 14.87 -16.93
N GLN D 58 3.21 14.74 -15.62
CA GLN D 58 2.86 15.91 -14.82
C GLN D 58 4.07 16.85 -14.64
N GLN D 59 5.28 16.31 -14.54
CA GLN D 59 6.47 17.18 -14.43
C GLN D 59 6.65 17.99 -15.69
N LEU D 60 6.54 17.33 -16.84
CA LEU D 60 6.68 18.07 -18.09
C LEU D 60 5.59 19.13 -18.21
N GLN D 61 4.37 18.79 -17.81
CA GLN D 61 3.28 19.75 -17.86
C GLN D 61 3.52 20.91 -16.90
N ALA D 62 4.06 20.62 -15.72
CA ALA D 62 4.34 21.68 -14.76
C ALA D 62 5.48 22.58 -15.24
N PHE D 63 6.48 22.01 -15.90
CA PHE D 63 7.56 22.82 -16.47
C PHE D 63 7.02 23.83 -17.47
N LYS D 64 6.20 23.37 -18.42
CA LYS D 64 5.67 24.27 -19.44
C LYS D 64 4.79 25.34 -18.82
N ASN D 65 3.91 24.95 -17.89
CA ASN D 65 3.05 25.93 -17.23
C ASN D 65 3.86 26.92 -16.41
N GLU D 66 4.96 26.48 -15.78
CA GLU D 66 5.75 27.42 -15.00
C GLU D 66 6.52 28.39 -15.89
N VAL D 67 7.09 27.89 -17.00
CA VAL D 67 7.72 28.80 -17.95
C VAL D 67 6.70 29.78 -18.52
N GLY D 68 5.50 29.29 -18.80
CA GLY D 68 4.46 30.13 -19.37
C GLY D 68 3.93 31.18 -18.40
N VAL D 69 3.93 30.87 -17.10
CA VAL D 69 3.50 31.85 -16.12
C VAL D 69 4.59 32.86 -15.84
N LEU D 70 5.84 32.39 -15.71
CA LEU D 70 6.93 33.29 -15.41
C LEU D 70 7.18 34.24 -16.58
N ARG D 71 6.97 33.76 -17.81
CA ARG D 71 7.14 34.52 -19.04
C ARG D 71 6.29 35.77 -19.06
N LYS D 72 5.25 35.83 -18.24
CA LYS D 72 4.27 36.90 -18.26
C LYS D 72 4.44 37.84 -17.09
N THR D 73 5.53 37.71 -16.33
CA THR D 73 5.81 38.58 -15.19
C THR D 73 7.01 39.47 -15.47
N ARG D 74 6.86 40.75 -15.21
CA ARG D 74 7.94 41.75 -15.31
C ARG D 74 7.66 42.75 -14.18
N HIS D 75 8.29 42.53 -13.02
CA HIS D 75 8.00 43.39 -11.88
C HIS D 75 9.13 43.22 -10.89
N VAL D 76 9.55 44.33 -10.28
CA VAL D 76 10.74 44.33 -9.45
C VAL D 76 10.57 43.44 -8.21
N ASN D 77 9.33 43.16 -7.82
CA ASN D 77 9.09 42.29 -6.67
C ASN D 77 8.67 40.89 -7.07
N ILE D 78 8.83 40.53 -8.33
CA ILE D 78 8.69 39.14 -8.76
C ILE D 78 10.05 38.67 -9.23
N LEU D 79 10.44 37.48 -8.77
CA LEU D 79 11.64 36.83 -9.23
C LEU D 79 11.74 36.91 -10.75
N LEU D 80 12.89 37.37 -11.25
CA LEU D 80 13.01 37.66 -12.67
C LEU D 80 13.30 36.38 -13.44
N PHE D 81 12.31 35.93 -14.20
CA PHE D 81 12.53 34.85 -15.14
C PHE D 81 13.48 35.32 -16.22
N MET D 82 14.44 34.47 -16.58
CA MET D 82 15.42 34.84 -17.60
C MET D 82 15.44 33.92 -18.81
N GLY D 83 15.02 32.67 -18.70
CA GLY D 83 15.10 31.75 -19.82
C GLY D 83 14.92 30.32 -19.36
N TYR D 84 14.94 29.41 -20.32
CA TYR D 84 14.75 28.00 -20.00
C TYR D 84 15.56 27.16 -20.96
N SER D 85 15.91 25.95 -20.53
CA SER D 85 16.70 25.01 -21.31
C SER D 85 15.91 23.75 -21.61
N THR D 86 16.30 23.06 -22.69
CA THR D 86 15.74 21.78 -23.10
C THR D 86 16.76 20.65 -23.07
N LYS D 87 18.00 20.92 -23.44
CA LYS D 87 19.00 19.89 -23.43
C LYS D 87 20.12 20.25 -22.46
N PRO D 88 20.66 19.28 -21.69
CA PRO D 88 20.25 17.87 -21.65
C PRO D 88 18.92 17.65 -20.93
N GLN D 89 18.64 18.48 -19.95
CA GLN D 89 17.41 18.35 -19.18
C GLN D 89 16.68 19.67 -19.14
N LEU D 90 15.39 19.57 -18.83
CA LEU D 90 14.58 20.74 -18.63
C LEU D 90 15.11 21.57 -17.48
N ALA D 91 15.34 22.84 -17.73
CA ALA D 91 15.79 23.77 -16.71
C ALA D 91 15.09 25.11 -16.93
N ILE D 92 14.79 25.78 -15.82
CA ILE D 92 14.29 27.15 -15.83
C ILE D 92 15.36 28.05 -15.19
N VAL D 93 15.65 29.17 -15.85
CA VAL D 93 16.75 30.04 -15.43
C VAL D 93 16.20 31.37 -14.97
N THR D 94 16.62 31.80 -13.78
CA THR D 94 16.21 33.10 -13.25
C THR D 94 17.41 33.88 -12.75
N GLN D 95 17.16 35.11 -12.34
CA GLN D 95 18.19 35.87 -11.65
C GLN D 95 18.62 35.12 -10.39
N TRP D 96 19.83 35.44 -9.93
CA TRP D 96 20.32 34.94 -8.66
C TRP D 96 20.00 35.96 -7.56
N CYS D 97 19.29 35.53 -6.53
CA CYS D 97 18.93 36.44 -5.45
C CYS D 97 19.99 36.36 -4.35
N GLU D 98 20.37 37.53 -3.82
CA GLU D 98 21.42 37.62 -2.81
C GLU D 98 20.80 37.82 -1.44
N GLY D 99 21.07 36.87 -0.53
CA GLY D 99 20.62 36.97 0.84
C GLY D 99 19.76 35.80 1.25
N SER D 100 18.71 36.08 2.00
CA SER D 100 17.91 35.05 2.64
C SER D 100 16.44 35.36 2.47
N SER D 101 15.62 34.33 2.64
CA SER D 101 14.18 34.52 2.63
C SER D 101 13.72 35.23 3.90
N LEU D 102 12.54 35.84 3.81
CA LEU D 102 11.93 36.47 4.99
C LEU D 102 11.79 35.49 6.14
N TYR D 103 11.56 34.20 5.85
CA TYR D 103 11.40 33.21 6.91
C TYR D 103 12.68 33.01 7.68
N LYS D 104 13.81 32.86 6.96
CA LYS D 104 15.09 32.72 7.63
C LYS D 104 15.39 33.93 8.49
N HIS D 105 15.07 35.12 7.98
CA HIS D 105 15.34 36.33 8.72
C HIS D 105 14.55 36.36 10.02
N LEU D 106 13.25 36.11 9.92
CA LEU D 106 12.36 36.31 11.05
C LEU D 106 12.44 35.18 12.08
N HIS D 107 12.60 33.93 11.62
CA HIS D 107 12.44 32.79 12.49
C HIS D 107 13.68 31.96 12.72
N ALA D 108 14.69 32.06 11.87
CA ALA D 108 15.93 31.30 12.06
C ALA D 108 17.14 32.22 12.04
N SER D 109 17.08 33.33 12.75
CA SER D 109 18.20 34.26 12.74
C SER D 109 17.91 35.37 13.74
N GLU D 110 18.98 36.07 14.13
CA GLU D 110 18.90 37.15 15.09
C GLU D 110 18.66 38.50 14.43
N THR D 111 18.27 38.52 13.15
CA THR D 111 17.94 39.80 12.51
C THR D 111 16.85 40.47 13.31
N LYS D 112 17.05 41.75 13.60
CA LYS D 112 16.02 42.59 14.21
C LYS D 112 15.69 43.68 13.21
N PHE D 113 14.48 43.65 12.67
CA PHE D 113 14.01 44.67 11.76
C PHE D 113 13.34 45.80 12.53
N GLU D 114 13.66 47.04 12.16
CA GLU D 114 12.87 48.17 12.64
C GLU D 114 11.48 48.16 12.00
N MET D 115 10.50 48.72 12.71
CA MET D 115 9.13 48.68 12.23
C MET D 115 8.99 49.29 10.84
N LYS D 116 9.72 50.37 10.56
CA LYS D 116 9.70 50.95 9.23
C LYS D 116 10.11 49.93 8.17
N LYS D 117 11.15 49.14 8.45
CA LYS D 117 11.60 48.12 7.50
C LYS D 117 10.57 46.99 7.40
N LEU D 118 9.95 46.63 8.52
CA LEU D 118 8.86 45.65 8.49
C LEU D 118 7.70 46.14 7.63
N ILE D 119 7.34 47.43 7.75
CA ILE D 119 6.31 47.99 6.88
C ILE D 119 6.76 47.91 5.43
N ASP D 120 8.02 48.25 5.17
CA ASP D 120 8.51 48.27 3.80
C ASP D 120 8.44 46.89 3.16
N ILE D 121 8.80 45.84 3.92
CA ILE D 121 8.70 44.49 3.39
C ILE D 121 7.25 44.14 3.09
N ALA D 122 6.33 44.53 3.96
CA ALA D 122 4.91 44.34 3.69
C ALA D 122 4.46 45.09 2.44
N ARG D 123 4.97 46.30 2.26
CA ARG D 123 4.62 47.12 1.09
C ARG D 123 5.10 46.46 -0.19
N GLN D 124 6.38 46.08 -0.24
CA GLN D 124 6.91 45.48 -1.45
C GLN D 124 6.21 44.16 -1.75
N THR D 125 5.86 43.38 -0.72
CA THR D 125 5.16 42.14 -0.99
C THR D 125 3.76 42.41 -1.55
N ALA D 126 3.07 43.41 -0.98
CA ALA D 126 1.77 43.79 -1.53
C ALA D 126 1.88 44.22 -2.97
N ARG D 127 2.95 44.94 -3.33
CA ARG D 127 3.12 45.35 -4.73
C ARG D 127 3.22 44.15 -5.65
N GLY D 128 3.99 43.13 -5.25
CA GLY D 128 4.22 41.99 -6.10
C GLY D 128 2.99 41.10 -6.22
N MET D 129 2.24 40.96 -5.12
CA MET D 129 1.01 40.17 -5.17
C MET D 129 -0.09 40.93 -5.92
N ASP D 130 -0.19 42.24 -5.67
CA ASP D 130 -1.10 43.07 -6.46
C ASP D 130 -0.84 42.89 -7.94
N TYR D 131 0.43 42.86 -8.33
CA TYR D 131 0.79 42.70 -9.74
C TYR D 131 0.39 41.33 -10.25
N LEU D 132 0.69 40.28 -9.48
CA LEU D 132 0.34 38.92 -9.90
C LEU D 132 -1.16 38.80 -10.15
N HIS D 133 -1.96 39.27 -9.19
CA HIS D 133 -3.40 39.13 -9.32
C HIS D 133 -3.95 39.90 -10.51
N ALA D 134 -3.37 41.06 -10.81
CA ALA D 134 -3.70 41.81 -12.02
C ALA D 134 -3.35 41.04 -13.30
N LYS D 135 -2.38 40.12 -13.25
CA LYS D 135 -2.07 39.24 -14.37
C LYS D 135 -2.88 37.94 -14.34
N SER D 136 -3.87 37.83 -13.44
CA SER D 136 -4.65 36.61 -13.23
C SER D 136 -3.77 35.42 -12.80
N ILE D 137 -2.77 35.69 -11.97
CA ILE D 137 -1.88 34.67 -11.46
C ILE D 137 -2.22 34.47 -9.99
N ILE D 138 -2.64 33.26 -9.64
CA ILE D 138 -2.82 32.86 -8.25
C ILE D 138 -1.53 32.23 -7.79
N HIS D 139 -0.92 32.76 -6.73
CA HIS D 139 0.35 32.20 -6.30
C HIS D 139 0.20 30.77 -5.78
N ARG D 140 -0.79 30.54 -4.92
CA ARG D 140 -1.16 29.25 -4.33
C ARG D 140 -0.26 28.83 -3.18
N ASP D 141 0.94 29.39 -3.07
CA ASP D 141 1.83 29.01 -1.97
C ASP D 141 2.60 30.20 -1.39
N LEU D 142 1.92 31.32 -1.17
CA LEU D 142 2.59 32.46 -0.53
C LEU D 142 2.82 32.17 0.95
N LYS D 143 4.01 32.52 1.44
CA LYS D 143 4.47 32.29 2.80
C LYS D 143 5.83 32.98 2.90
N SER D 144 6.34 33.14 4.13
CA SER D 144 7.58 33.89 4.27
C SER D 144 8.77 33.19 3.62
N ASN D 145 8.69 31.88 3.40
CA ASN D 145 9.80 31.16 2.76
C ASN D 145 9.91 31.47 1.28
N ASN D 146 8.84 31.97 0.66
CA ASN D 146 8.85 32.34 -0.75
C ASN D 146 8.96 33.84 -0.96
N ILE D 147 9.31 34.61 0.07
CA ILE D 147 9.59 36.03 -0.05
C ILE D 147 11.08 36.20 0.17
N PHE D 148 11.83 36.45 -0.90
CA PHE D 148 13.27 36.60 -0.81
C PHE D 148 13.66 38.06 -0.60
N LEU D 149 14.48 38.31 0.42
CA LEU D 149 14.95 39.66 0.69
C LEU D 149 16.25 39.89 -0.07
N HIS D 150 16.11 40.18 -1.36
CA HIS D 150 17.25 40.36 -2.26
C HIS D 150 18.08 41.58 -1.85
N GLU D 151 19.38 41.39 -1.70
CA GLU D 151 20.31 42.47 -1.34
C GLU D 151 19.90 43.19 -0.07
N ASP D 152 19.02 42.57 0.73
CA ASP D 152 18.51 43.18 1.95
C ASP D 152 17.79 44.51 1.69
N ASN D 153 17.13 44.63 0.54
CA ASN D 153 16.33 45.83 0.31
C ASN D 153 15.24 45.62 -0.73
N THR D 154 15.15 44.45 -1.36
CA THR D 154 14.13 44.26 -2.37
C THR D 154 13.47 42.90 -2.20
N VAL D 155 12.14 42.91 -2.00
CA VAL D 155 11.37 41.68 -1.95
C VAL D 155 11.35 41.05 -3.33
N LYS D 156 11.64 39.75 -3.41
CA LYS D 156 11.39 38.95 -4.61
C LYS D 156 10.46 37.81 -4.25
N ILE D 157 9.19 37.94 -4.65
CA ILE D 157 8.25 36.83 -4.53
C ILE D 157 8.60 35.76 -5.55
N GLY D 158 8.69 34.52 -5.09
CA GLY D 158 8.88 33.40 -6.00
C GLY D 158 8.23 32.15 -5.44
N ASP D 159 8.62 30.99 -5.93
CA ASP D 159 8.16 29.72 -5.36
C ASP D 159 9.38 28.82 -5.32
N PHE D 160 10.02 28.75 -4.16
CA PHE D 160 11.33 28.12 -4.05
C PHE D 160 11.24 26.69 -3.54
N GLY D 161 10.04 26.13 -3.41
CA GLY D 161 9.92 24.77 -2.94
C GLY D 161 10.31 23.75 -4.00
N LEU D 162 10.88 22.63 -3.53
CA LEU D 162 11.18 21.47 -4.36
C LEU D 162 10.43 20.28 -3.79
N ALA D 163 9.60 19.65 -4.62
CA ALA D 163 8.74 18.57 -4.14
C ALA D 163 9.56 17.35 -3.74
N THR D 164 9.14 16.69 -2.67
CA THR D 164 9.76 15.47 -2.16
C THR D 164 8.74 14.36 -2.06
N VAL D 165 9.12 13.15 -2.50
CA VAL D 165 8.23 12.01 -2.32
C VAL D 165 8.22 11.61 -0.85
N LYS D 166 7.06 11.17 -0.37
CA LYS D 166 6.91 10.78 1.02
C LYS D 166 7.71 9.51 1.30
N SER D 167 8.33 9.46 2.48
CA SER D 167 9.06 8.28 2.92
C SER D 167 8.08 7.32 3.60
N ARG D 168 8.47 6.05 3.65
CA ARG D 168 7.61 5.11 4.37
C ARG D 168 7.63 5.40 5.87
N TRP D 169 8.68 5.99 6.39
CA TRP D 169 8.80 6.03 7.84
C TRP D 169 8.19 7.28 8.44
N SER D 170 7.44 8.05 7.66
CA SER D 170 6.84 9.28 8.15
C SER D 170 5.36 9.09 8.47
N GLN D 174 -1.48 13.94 8.66
CA GLN D 174 -2.19 14.41 7.47
C GLN D 174 -1.62 15.75 6.96
N PHE D 175 -1.96 16.11 5.72
CA PHE D 175 -1.31 17.22 5.01
C PHE D 175 0.23 17.16 5.15
N GLU D 176 0.76 15.94 5.23
CA GLU D 176 2.18 15.76 5.51
C GLU D 176 3.04 16.40 4.42
N GLN D 177 2.71 16.17 3.15
CA GLN D 177 3.50 16.74 2.06
C GLN D 177 3.30 18.25 1.94
N LEU D 178 2.26 18.82 2.55
CA LEU D 178 2.02 20.26 2.57
C LEU D 178 2.40 20.90 3.91
N SER D 179 3.06 20.14 4.80
CA SER D 179 3.25 20.58 6.19
C SER D 179 3.94 21.94 6.28
N GLY D 180 4.78 22.28 5.31
CA GLY D 180 5.46 23.56 5.29
C GLY D 180 4.59 24.73 4.88
N SER D 181 3.36 24.47 4.47
CA SER D 181 2.45 25.52 4.02
C SER D 181 1.23 25.70 4.90
N ILE D 182 1.09 24.89 5.96
CA ILE D 182 -0.19 24.76 6.67
C ILE D 182 -0.56 26.07 7.39
N LEU D 183 0.41 26.73 8.01
CA LEU D 183 0.10 27.94 8.78
C LEU D 183 -0.46 29.06 7.91
N TRP D 184 -0.23 29.03 6.59
CA TRP D 184 -0.65 30.06 5.66
C TRP D 184 -1.89 29.69 4.85
N MET D 185 -2.49 28.52 5.08
CA MET D 185 -3.63 28.09 4.30
C MET D 185 -4.92 28.65 4.90
N ALA D 186 -5.73 29.29 4.06
CA ALA D 186 -7.04 29.78 4.46
C ALA D 186 -7.93 28.62 4.93
N PRO D 187 -8.95 28.92 5.75
CA PRO D 187 -9.79 27.83 6.26
C PRO D 187 -10.40 26.98 5.17
N GLU D 188 -10.83 27.59 4.05
CA GLU D 188 -11.45 26.80 3.00
C GLU D 188 -10.44 25.89 2.30
N VAL D 189 -9.17 26.29 2.26
CA VAL D 189 -8.12 25.45 1.69
C VAL D 189 -7.79 24.30 2.62
N ILE D 190 -7.76 24.57 3.93
CA ILE D 190 -7.59 23.49 4.89
C ILE D 190 -8.76 22.51 4.80
N ARG D 191 -9.99 23.02 4.70
CA ARG D 191 -11.15 22.14 4.55
C ARG D 191 -11.06 21.31 3.27
N MET D 192 -10.69 21.95 2.16
CA MET D 192 -10.43 21.28 0.88
C MET D 192 -11.56 20.32 0.52
N GLN D 193 -12.73 20.91 0.28
CA GLN D 193 -13.96 20.17 0.05
C GLN D 193 -14.56 20.52 -1.31
N ASP D 194 -14.95 19.49 -2.06
CA ASP D 194 -15.84 19.59 -3.22
C ASP D 194 -15.21 20.25 -4.45
N SER D 195 -14.74 21.49 -4.31
CA SER D 195 -14.12 22.21 -5.41
C SER D 195 -12.76 22.75 -4.99
N ASN D 196 -11.94 23.08 -5.99
CA ASN D 196 -10.68 23.75 -5.77
C ASN D 196 -10.88 25.00 -4.91
N PRO D 197 -10.27 25.08 -3.73
CA PRO D 197 -10.43 26.26 -2.86
C PRO D 197 -9.35 27.32 -3.01
N TYR D 198 -8.40 27.14 -3.93
CA TYR D 198 -7.34 28.12 -4.13
C TYR D 198 -7.83 29.24 -5.04
N SER D 199 -7.58 30.48 -4.62
CA SER D 199 -8.22 31.64 -5.22
C SER D 199 -7.39 32.87 -4.91
N PHE D 200 -7.80 34.01 -5.49
CA PHE D 200 -7.22 35.28 -5.08
C PHE D 200 -7.42 35.52 -3.59
N GLN D 201 -8.56 35.07 -3.05
CA GLN D 201 -8.87 35.29 -1.64
C GLN D 201 -8.00 34.44 -0.72
N SER D 202 -7.68 33.20 -1.11
CA SER D 202 -6.78 32.42 -0.27
C SER D 202 -5.35 32.96 -0.33
N ASP D 203 -4.94 33.51 -1.48
CA ASP D 203 -3.69 34.24 -1.51
C ASP D 203 -3.69 35.39 -0.49
N VAL D 204 -4.81 36.12 -0.41
CA VAL D 204 -4.89 37.26 0.51
C VAL D 204 -4.70 36.79 1.94
N TYR D 205 -5.37 35.70 2.30
CA TYR D 205 -5.23 35.16 3.64
C TYR D 205 -3.78 34.83 3.94
N ALA D 206 -3.09 34.20 2.98
CA ALA D 206 -1.67 33.91 3.19
C ALA D 206 -0.85 35.19 3.35
N PHE D 207 -1.28 36.28 2.70
CA PHE D 207 -0.65 37.58 2.97
C PHE D 207 -0.95 38.05 4.39
N GLY D 208 -2.18 37.85 4.86
CA GLY D 208 -2.49 38.12 6.26
C GLY D 208 -1.55 37.40 7.23
N ILE D 209 -1.24 36.14 6.96
CA ILE D 209 -0.32 35.42 7.84
C ILE D 209 1.08 36.01 7.75
N VAL D 210 1.51 36.42 6.55
CA VAL D 210 2.80 37.11 6.42
C VAL D 210 2.80 38.38 7.25
N LEU D 211 1.71 39.16 7.18
CA LEU D 211 1.62 40.35 8.02
C LEU D 211 1.76 39.98 9.47
N TYR D 212 1.19 38.84 9.88
CA TYR D 212 1.29 38.43 11.27
C TYR D 212 2.73 38.14 11.65
N GLU D 213 3.47 37.43 10.79
CA GLU D 213 4.88 37.16 11.08
C GLU D 213 5.66 38.46 11.20
N LEU D 214 5.43 39.39 10.26
CA LEU D 214 6.15 40.66 10.28
C LEU D 214 5.84 41.44 11.55
N MET D 215 4.56 41.55 11.88
CA MET D 215 4.11 42.43 12.95
C MET D 215 4.17 41.78 14.33
N THR D 216 4.22 40.45 14.42
CA THR D 216 4.46 39.80 15.70
C THR D 216 5.86 39.25 15.84
N GLY D 217 6.59 39.09 14.75
CA GLY D 217 7.84 38.40 14.83
C GLY D 217 7.73 36.91 15.08
N GLN D 218 6.53 36.32 15.09
CA GLN D 218 6.44 34.89 15.33
C GLN D 218 5.44 34.26 14.37
N LEU D 219 5.57 32.94 14.23
CA LEU D 219 4.60 32.16 13.48
C LEU D 219 3.32 32.03 14.32
N PRO D 220 2.16 31.92 13.67
CA PRO D 220 0.92 31.75 14.43
C PRO D 220 0.84 30.38 15.10
N TYR D 221 0.11 30.32 16.21
CA TYR D 221 -0.15 29.09 16.96
C TYR D 221 1.12 28.52 17.61
N SER D 222 2.03 29.40 18.02
CA SER D 222 3.24 28.93 18.69
C SER D 222 2.91 28.13 19.94
N ASN D 223 1.78 28.43 20.57
CA ASN D 223 1.36 27.72 21.78
C ASN D 223 0.85 26.33 21.51
N ILE D 224 0.52 25.99 20.27
CA ILE D 224 -0.14 24.74 19.93
C ILE D 224 0.88 23.83 19.25
N ASN D 225 1.32 22.78 19.95
CA ASN D 225 2.24 21.83 19.33
C ASN D 225 1.50 20.86 18.42
N ASN D 226 0.31 20.40 18.84
CA ASN D 226 -0.48 19.45 18.06
C ASN D 226 -0.79 20.03 16.68
N ARG D 227 -0.18 19.45 15.63
CA ARG D 227 -0.44 19.92 14.27
C ARG D 227 -1.84 19.53 13.80
N ASP D 228 -2.35 18.39 14.26
CA ASP D 228 -3.70 17.99 13.87
C ASP D 228 -4.74 18.89 14.53
N GLN D 229 -4.49 19.33 15.77
CA GLN D 229 -5.39 20.27 16.41
C GLN D 229 -5.48 21.57 15.62
N ILE D 230 -4.33 22.07 15.17
CA ILE D 230 -4.31 23.29 14.37
C ILE D 230 -5.19 23.12 13.14
N ILE D 231 -4.98 22.01 12.42
CA ILE D 231 -5.67 21.82 11.15
C ILE D 231 -7.18 21.77 11.36
N GLU D 232 -7.63 20.88 12.24
CA GLU D 232 -9.05 20.78 12.57
C GLU D 232 -9.62 22.12 12.98
N MET D 233 -8.96 22.79 13.93
CA MET D 233 -9.55 23.98 14.53
C MET D 233 -9.53 25.17 13.58
N VAL D 234 -8.45 25.34 12.82
CA VAL D 234 -8.44 26.41 11.82
C VAL D 234 -9.54 26.18 10.78
N GLY D 235 -9.61 24.96 10.24
CA GLY D 235 -10.61 24.68 9.21
C GLY D 235 -12.04 24.87 9.67
N ARG D 236 -12.31 24.63 10.96
CA ARG D 236 -13.65 24.82 11.50
C ARG D 236 -13.95 26.27 11.86
N GLY D 237 -12.92 27.05 12.22
CA GLY D 237 -13.11 28.42 12.66
C GLY D 237 -13.03 28.66 14.14
N SER D 238 -12.63 27.67 14.94
CA SER D 238 -12.43 27.83 16.38
C SER D 238 -10.97 28.08 16.72
N LEU D 239 -10.20 28.62 15.77
CA LEU D 239 -8.81 28.98 16.01
C LEU D 239 -8.34 29.91 14.91
N SER D 240 -7.74 31.03 15.30
CA SER D 240 -7.17 32.00 14.37
C SER D 240 -6.03 32.70 15.09
N PRO D 241 -5.17 33.40 14.36
CA PRO D 241 -3.99 33.98 15.00
C PRO D 241 -4.33 34.90 16.16
N ASP D 242 -3.46 34.92 17.16
CA ASP D 242 -3.63 35.73 18.37
C ASP D 242 -3.09 37.12 18.08
N LEU D 243 -3.99 38.03 17.70
CA LEU D 243 -3.54 39.36 17.27
C LEU D 243 -3.08 40.22 18.42
N SER D 244 -3.29 39.80 19.67
CA SER D 244 -2.68 40.51 20.78
C SER D 244 -1.16 40.41 20.77
N LYS D 245 -0.59 39.53 19.97
CA LYS D 245 0.85 39.35 19.97
C LYS D 245 1.59 40.38 19.12
N VAL D 246 0.88 41.28 18.42
CA VAL D 246 1.59 42.25 17.60
C VAL D 246 2.41 43.17 18.50
N ARG D 247 3.49 43.70 17.95
CA ARG D 247 4.39 44.56 18.70
C ARG D 247 3.70 45.89 19.02
N SER D 248 4.19 46.53 20.09
CA SER D 248 3.53 47.74 20.60
C SER D 248 3.43 48.82 19.54
N ASN D 249 4.50 49.03 18.77
CA ASN D 249 4.55 50.09 17.77
C ASN D 249 4.04 49.66 16.40
N CYS D 250 3.30 48.57 16.33
CA CYS D 250 2.63 48.22 15.08
C CYS D 250 1.48 49.20 14.81
N PRO D 251 1.47 49.92 13.68
CA PRO D 251 0.44 50.94 13.46
C PRO D 251 -0.97 50.35 13.47
N LYS D 252 -1.94 51.17 13.90
CA LYS D 252 -3.31 50.69 13.95
C LYS D 252 -3.83 50.31 12.58
N ARG D 253 -3.44 51.06 11.55
CA ARG D 253 -3.89 50.75 10.19
C ARG D 253 -3.44 49.37 9.76
N MET D 254 -2.25 48.94 10.19
CA MET D 254 -1.71 47.64 9.77
C MET D 254 -2.39 46.49 10.50
N LYS D 255 -2.61 46.64 11.81
CA LYS D 255 -3.31 45.58 12.55
C LYS D 255 -4.74 45.42 12.05
N ARG D 256 -5.41 46.52 11.70
CA ARG D 256 -6.74 46.41 11.14
C ARG D 256 -6.71 45.72 9.78
N LEU D 257 -5.72 46.04 8.94
CA LEU D 257 -5.63 45.43 7.62
C LEU D 257 -5.36 43.94 7.72
N MET D 258 -4.39 43.56 8.55
CA MET D 258 -4.12 42.15 8.83
C MET D 258 -5.40 41.39 9.13
N ALA D 259 -6.21 41.89 10.07
CA ALA D 259 -7.45 41.22 10.46
C ALA D 259 -8.41 41.10 9.29
N GLU D 260 -8.44 42.11 8.42
CA GLU D 260 -9.25 42.01 7.19
C GLU D 260 -8.77 40.87 6.31
N CYS D 261 -7.45 40.76 6.14
CA CYS D 261 -6.90 39.72 5.28
C CYS D 261 -7.11 38.33 5.86
N LEU D 262 -7.29 38.22 7.17
CA LEU D 262 -7.43 36.94 7.85
C LEU D 262 -8.88 36.52 8.05
N LYS D 263 -9.85 37.26 7.51
CA LYS D 263 -11.25 36.93 7.72
C LYS D 263 -11.51 35.48 7.35
N LYS D 264 -12.42 34.83 8.08
CA LYS D 264 -12.65 33.41 7.83
C LYS D 264 -13.42 33.20 6.54
N LYS D 265 -14.45 34.03 6.30
CA LYS D 265 -15.24 33.95 5.07
C LYS D 265 -14.47 34.64 3.94
N ARG D 266 -14.04 33.86 2.95
CA ARG D 266 -13.12 34.40 1.94
C ARG D 266 -13.68 35.63 1.25
N ASP D 267 -15.00 35.74 1.10
CA ASP D 267 -15.59 36.88 0.42
C ASP D 267 -15.50 38.16 1.24
N GLU D 268 -15.17 38.06 2.52
CA GLU D 268 -15.02 39.22 3.39
C GLU D 268 -13.60 39.77 3.40
N ARG D 269 -12.65 39.11 2.75
CA ARG D 269 -11.30 39.64 2.69
C ARG D 269 -11.21 40.70 1.59
N PRO D 270 -10.37 41.72 1.78
CA PRO D 270 -10.19 42.73 0.73
C PRO D 270 -9.27 42.20 -0.35
N SER D 271 -9.27 42.92 -1.47
CA SER D 271 -8.39 42.58 -2.58
C SER D 271 -7.10 43.39 -2.50
N PHE D 272 -6.16 43.04 -3.35
CA PHE D 272 -4.85 43.67 -3.21
C PHE D 272 -4.78 45.12 -3.68
N PRO D 273 -5.59 45.58 -4.64
CA PRO D 273 -5.60 47.03 -4.89
C PRO D 273 -5.84 47.80 -3.61
N ARG D 274 -6.77 47.35 -2.78
CA ARG D 274 -7.02 48.05 -1.53
C ARG D 274 -5.96 47.75 -0.49
N ILE D 275 -5.42 46.52 -0.51
CA ILE D 275 -4.32 46.19 0.40
C ILE D 275 -3.13 47.10 0.16
N LEU D 276 -2.71 47.22 -1.11
CA LEU D 276 -1.49 47.96 -1.40
C LEU D 276 -1.68 49.46 -1.15
N ALA D 277 -2.87 49.98 -1.46
CA ALA D 277 -3.12 51.38 -1.18
C ALA D 277 -3.14 51.66 0.31
N GLU D 278 -3.65 50.70 1.10
CA GLU D 278 -3.68 50.90 2.55
C GLU D 278 -2.28 50.92 3.12
N ILE D 279 -1.44 49.96 2.71
CA ILE D 279 -0.06 49.90 3.19
C ILE D 279 0.75 51.09 2.70
N GLU D 280 0.54 51.50 1.44
CA GLU D 280 1.32 52.62 0.92
C GLU D 280 0.93 53.93 1.60
N GLU D 281 -0.36 54.14 1.84
CA GLU D 281 -0.80 55.31 2.59
C GLU D 281 -0.28 55.28 4.03
N LEU D 282 -0.41 54.14 4.71
CA LEU D 282 -0.02 54.13 6.12
C LEU D 282 1.49 54.25 6.26
N ALA D 283 2.23 53.76 5.26
CA ALA D 283 3.68 53.94 5.26
C ALA D 283 4.07 55.41 5.13
N ARG D 284 3.39 56.15 4.24
CA ARG D 284 3.65 57.58 4.10
C ARG D 284 3.43 58.31 5.42
N GLU D 285 2.42 57.89 6.18
CA GLU D 285 2.05 58.62 7.40
C GLU D 285 3.18 58.63 8.42
N LEU D 286 4.02 57.60 8.44
CA LEU D 286 5.15 57.54 9.36
C LEU D 286 6.35 58.21 8.73
N SER D 287 6.22 59.53 8.54
CA SER D 287 7.13 60.34 7.71
C SER D 287 7.07 59.90 6.24
#